data_6PY2
#
_entry.id   6PY2
#
_cell.length_a   75.280
_cell.length_b   275.140
_cell.length_c   141.550
_cell.angle_alpha   90.000
_cell.angle_beta   90.000
_cell.angle_gamma   90.000
#
_symmetry.space_group_name_H-M   'C 2 2 21'
#
loop_
_entity.id
_entity.type
_entity.pdbx_description
1 polymer 'HLA class II histocompatibility antigen DQ alpha chain'
2 polymer 'HLA class II histocompatibility antigen DQ beta chain'
3 polymer DQ2.2-glut-L1
4 polymer 'T-cell receptor, T594, alpha chain,T-cell receptor, T594, alpha chain'
5 polymer 'T-cell receptor, T594, beta chain,T-cell receptor, T594, beta chain'
6 non-polymer 2-acetamido-2-deoxy-beta-D-glucopyranose
7 non-polymer GLYCEROL
8 water water
#
loop_
_entity_poly.entity_id
_entity_poly.type
_entity_poly.pdbx_seq_one_letter_code
_entity_poly.pdbx_strand_id
1 'polypeptide(L)'
;MILNKALMLGALALTTVMSPCGGEDIVADHVASYGVNLYQSYGPSGQFTHEFDGDEEFYVDLERKETVWKLPLFHRLRFD
PQFALTNIAVLKHNLNILIKRSNSTAATNEVPEVTVFSKSPVTLGQPNTLICLVDNIFPPVVNITWLSNGHSVTEGVSET
SFLSKSDHSFFKISYLTFLPSADEIYDCKVEHWGLDEPLLKHWEPEIPAPMSELTETVVCALGLSVGLVGIVVGTVLIIR
GLRSVGASRHQGPL
;
A
2 'polypeptide(L)'
;MSWKKALRIPGGLRAATVTLMLSMLSTPVAEGRDSPEDFVYQFKGMCYFTNGTERVRLVSRSIYNREEIVRFDSDVGEFR
AVTLLGLPAAEYWNSQKDILERKRAAVDRVCRHNYQLELRTTLQRRVEPTVTISPSRTEALNHHNLLVCSVTDFYPAQIK
VRWFRNGQEETAGVVSTPLIRNGDWTFQILVMLEMTPQRGDVYTCHVEHPSLQSPITVEWRAQSESAQSKMLSGIGGFVL
GLIFLGLGLIIHHRSQKGLLH
;
B
3 'polypeptide(L)' APFSEQEQPVLG C
4 'polypeptide(L)'
;MNSVTQMEGPVTLSEEAFLTINCTYTATGYPSLFWYVQYPGEGLQLLLKATKADDKGSNKGFEATYRKETTSFHLEKGSV
QVSDSAVYFCASPQGGSEKLVFGKGTKLTVNPYIQNPDPAVYQLRDSKSSDKSVCLFTDFDSQTNVSQSKDSDVYITDKC
VLDMRSMDFKSNSAVAWSNKSDFACANAFNNSIIPEDTFFPSPESS
;
D
5 'polypeptide(L)'
;MGVAQSPRYKIIEKRQSVAFWCNPISGHATLYWYQQILGQGPKLLIQFQNNGVVDDSQLPKDRFSAERLKGVDSTLKIQP
AKLEDSAVYLCASSSGGWGGGTEAFFGQGTRLTVVEDLKNVFPPEVAVFEPSEAEISHTQKATLVCLATGFYPDHVELSW
WVNGKEVHSGVCTDPQPLKEQPALNDSRYALSSRLRVSATFWQNPRNHFRCQVQFYGLSENDEWTQDRAKPVTQIVSAEA
WGRAD
;
E
#
# COMPACT_ATOMS: atom_id res chain seq x y z
N ILE A 26 -11.41 -18.73 23.85
CA ILE A 26 -12.15 -17.53 23.49
C ILE A 26 -13.54 -17.90 22.96
N VAL A 27 -14.56 -17.23 23.48
CA VAL A 27 -15.95 -17.48 23.11
C VAL A 27 -16.40 -16.40 22.14
N ALA A 28 -17.06 -16.81 21.05
CA ALA A 28 -17.57 -15.87 20.07
C ALA A 28 -18.65 -16.57 19.24
N ASP A 29 -19.50 -15.76 18.60
CA ASP A 29 -20.54 -16.31 17.74
C ASP A 29 -19.94 -16.91 16.48
N HIS A 30 -18.94 -16.24 15.91
CA HIS A 30 -18.25 -16.72 14.72
C HIS A 30 -16.77 -16.40 14.86
N VAL A 31 -15.92 -17.37 14.52
CA VAL A 31 -14.47 -17.20 14.58
C VAL A 31 -13.91 -17.47 13.18
N ALA A 32 -13.15 -16.51 12.67
CA ALA A 32 -12.52 -16.62 11.36
C ALA A 32 -11.01 -16.55 11.51
N SER A 33 -10.32 -17.17 10.57
CA SER A 33 -8.86 -17.13 10.49
C SER A 33 -8.52 -16.49 9.16
N TYR A 34 -8.54 -15.16 9.12
CA TYR A 34 -8.24 -14.41 7.90
C TYR A 34 -6.72 -14.38 7.71
N GLY A 35 -6.21 -15.55 7.33
CA GLY A 35 -4.79 -15.76 7.18
C GLY A 35 -4.27 -16.85 8.10
N VAL A 36 -4.47 -18.11 7.74
CA VAL A 36 -3.72 -19.21 8.33
C VAL A 36 -2.49 -19.37 7.44
N ASN A 37 -1.37 -18.83 7.90
CA ASN A 37 -0.13 -18.84 7.13
C ASN A 37 0.78 -19.95 7.67
N LEU A 38 1.32 -20.75 6.76
CA LEU A 38 2.12 -21.91 7.11
C LEU A 38 3.38 -21.92 6.25
N TYR A 39 4.53 -22.13 6.89
CA TYR A 39 5.77 -22.34 6.16
C TYR A 39 6.65 -23.28 6.96
N GLN A 40 7.11 -24.34 6.30
CA GLN A 40 7.97 -25.34 6.93
C GLN A 40 9.21 -25.55 6.08
N SER A 41 10.28 -26.02 6.74
CA SER A 41 11.58 -26.17 6.11
C SER A 41 11.72 -27.47 5.34
N TYR A 42 10.77 -28.40 5.45
CA TYR A 42 10.96 -29.73 4.89
C TYR A 42 11.07 -29.70 3.36
N GLY A 43 10.00 -29.31 2.69
CA GLY A 43 9.97 -29.26 1.24
C GLY A 43 11.15 -28.60 0.54
N PRO A 44 11.34 -27.28 0.75
CA PRO A 44 10.51 -26.40 1.60
C PRO A 44 9.15 -26.13 0.96
N SER A 45 8.13 -26.03 1.80
CA SER A 45 6.76 -25.83 1.32
C SER A 45 6.04 -24.86 2.24
N GLY A 46 4.87 -24.43 1.81
CA GLY A 46 4.06 -23.51 2.58
C GLY A 46 2.61 -23.64 2.20
N GLN A 47 1.76 -22.95 2.96
CA GLN A 47 0.32 -22.98 2.70
C GLN A 47 -0.30 -21.68 3.17
N PHE A 48 -1.26 -21.19 2.38
CA PHE A 48 -2.02 -19.99 2.72
C PHE A 48 -3.50 -20.26 2.46
N THR A 49 -4.31 -20.20 3.51
CA THR A 49 -5.75 -20.41 3.40
C THR A 49 -6.48 -19.39 4.25
N HIS A 50 -7.75 -19.17 3.92
CA HIS A 50 -8.68 -18.41 4.73
C HIS A 50 -9.76 -19.33 5.25
N GLU A 51 -10.00 -19.29 6.56
CA GLU A 51 -11.00 -20.13 7.20
C GLU A 51 -12.05 -19.27 7.88
N PHE A 52 -13.31 -19.69 7.79
CA PHE A 52 -14.41 -19.05 8.50
C PHE A 52 -15.26 -20.14 9.15
N ASP A 53 -15.36 -20.08 10.48
CA ASP A 53 -16.15 -21.03 11.27
C ASP A 53 -15.70 -22.48 11.07
N GLY A 54 -14.40 -22.67 10.85
CA GLY A 54 -13.83 -24.01 10.77
C GLY A 54 -13.73 -24.58 9.37
N ASP A 55 -14.29 -23.93 8.36
CA ASP A 55 -14.26 -24.43 7.00
C ASP A 55 -13.37 -23.55 6.13
N GLU A 56 -12.89 -24.13 5.04
CA GLU A 56 -11.91 -23.50 4.17
C GLU A 56 -12.62 -22.67 3.11
N GLU A 57 -12.34 -21.36 3.09
CA GLU A 57 -12.92 -20.48 2.09
C GLU A 57 -12.15 -20.57 0.77
N PHE A 58 -10.83 -20.43 0.83
CA PHE A 58 -9.99 -20.54 -0.35
C PHE A 58 -8.56 -20.81 0.10
N TYR A 59 -7.75 -21.34 -0.82
CA TYR A 59 -6.32 -21.45 -0.63
C TYR A 59 -5.63 -20.80 -1.81
N VAL A 60 -4.31 -20.63 -1.68
CA VAL A 60 -3.50 -20.03 -2.73
C VAL A 60 -2.41 -21.01 -3.12
N ASP A 61 -2.45 -21.48 -4.36
CA ASP A 61 -1.37 -22.32 -4.88
C ASP A 61 -0.11 -21.47 -4.98
N LEU A 62 0.85 -21.71 -4.08
CA LEU A 62 2.02 -20.84 -4.01
C LEU A 62 2.96 -21.08 -5.20
N GLU A 63 2.96 -22.28 -5.76
CA GLU A 63 3.86 -22.56 -6.89
C GLU A 63 3.29 -22.04 -8.20
N ARG A 64 1.99 -22.20 -8.42
CA ARG A 64 1.33 -21.71 -9.63
C ARG A 64 0.91 -20.25 -9.51
N LYS A 65 1.05 -19.63 -8.33
CA LYS A 65 0.59 -18.27 -8.09
C LYS A 65 -0.87 -18.12 -8.49
N GLU A 66 -1.72 -18.90 -7.84
CA GLU A 66 -3.11 -19.03 -8.24
C GLU A 66 -3.99 -19.18 -7.01
N THR A 67 -5.08 -18.41 -6.96
CA THR A 67 -6.05 -18.50 -5.90
C THR A 67 -7.15 -19.48 -6.30
N VAL A 68 -7.42 -20.45 -5.43
CA VAL A 68 -8.41 -21.50 -5.69
C VAL A 68 -9.48 -21.40 -4.61
N TRP A 69 -10.70 -21.09 -5.02
CA TRP A 69 -11.79 -20.86 -4.09
C TRP A 69 -12.50 -22.17 -3.73
N LYS A 70 -12.96 -22.26 -2.48
CA LYS A 70 -13.67 -23.43 -1.98
C LYS A 70 -15.05 -23.08 -1.45
N LEU A 71 -15.54 -21.86 -1.68
CA LEU A 71 -16.85 -21.49 -1.19
C LEU A 71 -17.93 -22.30 -1.91
N PRO A 72 -18.93 -22.81 -1.18
CA PRO A 72 -20.00 -23.59 -1.82
C PRO A 72 -21.13 -22.71 -2.33
N LEU A 73 -20.80 -21.51 -2.80
CA LEU A 73 -21.78 -20.56 -3.29
C LEU A 73 -21.29 -19.98 -4.60
N PHE A 74 -22.05 -19.05 -5.15
CA PHE A 74 -21.56 -18.21 -6.23
C PHE A 74 -21.10 -16.87 -5.68
N HIS A 75 -19.97 -16.39 -6.17
CA HIS A 75 -19.40 -15.14 -5.71
C HIS A 75 -18.51 -14.58 -6.81
N ARG A 76 -18.49 -13.25 -6.91
CA ARG A 76 -17.57 -12.54 -7.79
C ARG A 76 -16.32 -12.08 -7.03
N LEU A 77 -16.06 -12.64 -5.86
CA LEU A 77 -14.95 -12.23 -5.03
C LEU A 77 -13.61 -12.48 -5.73
N ARG A 78 -12.58 -11.80 -5.23
CA ARG A 78 -11.26 -11.85 -5.83
C ARG A 78 -10.22 -11.64 -4.74
N PHE A 79 -9.11 -12.35 -4.85
CA PHE A 79 -8.00 -12.22 -3.91
C PHE A 79 -6.70 -12.37 -4.68
N ASP A 80 -5.86 -11.35 -4.62
CA ASP A 80 -4.59 -11.38 -5.35
C ASP A 80 -3.66 -12.41 -4.71
N PRO A 81 -3.21 -13.43 -5.44
CA PRO A 81 -2.32 -14.43 -4.83
C PRO A 81 -0.98 -13.87 -4.40
N GLN A 82 -0.62 -12.65 -4.83
CA GLN A 82 0.66 -12.08 -4.44
C GLN A 82 0.75 -11.86 -2.93
N PHE A 83 -0.37 -11.55 -2.28
CA PHE A 83 -0.35 -11.36 -0.83
C PHE A 83 0.15 -12.60 -0.12
N ALA A 84 -0.33 -13.78 -0.54
CA ALA A 84 0.15 -15.02 0.06
C ALA A 84 1.65 -15.18 -0.13
N LEU A 85 2.13 -14.93 -1.35
CA LEU A 85 3.54 -15.16 -1.66
C LEU A 85 4.45 -14.29 -0.80
N THR A 86 4.06 -13.03 -0.57
CA THR A 86 4.90 -12.14 0.22
C THR A 86 4.70 -12.33 1.71
N ASN A 87 3.49 -12.73 2.13
CA ASN A 87 3.26 -13.04 3.53
C ASN A 87 4.08 -14.26 3.95
N ILE A 88 4.00 -15.34 3.16
CA ILE A 88 4.79 -16.53 3.42
C ILE A 88 6.28 -16.21 3.40
N ALA A 89 6.68 -15.24 2.59
CA ALA A 89 8.09 -14.84 2.54
C ALA A 89 8.54 -14.29 3.89
N VAL A 90 7.70 -13.48 4.54
CA VAL A 90 8.02 -12.98 5.87
C VAL A 90 8.11 -14.13 6.87
N LEU A 91 7.24 -15.14 6.70
CA LEU A 91 7.30 -16.33 7.55
C LEU A 91 8.65 -17.04 7.41
N LYS A 92 9.09 -17.24 6.17
CA LYS A 92 10.39 -17.86 5.93
C LYS A 92 11.51 -17.05 6.58
N HIS A 93 11.43 -15.72 6.46
CA HIS A 93 12.44 -14.85 7.07
C HIS A 93 12.46 -15.03 8.58
N ASN A 94 11.29 -15.07 9.22
CA ASN A 94 11.24 -15.22 10.66
C ASN A 94 11.59 -16.63 11.11
N LEU A 95 11.25 -17.64 10.31
CA LEU A 95 11.53 -19.01 10.69
C LEU A 95 13.03 -19.27 10.80
N ASN A 96 13.78 -18.89 9.76
CA ASN A 96 15.23 -19.10 9.75
C ASN A 96 15.89 -18.48 10.97
N ILE A 97 15.47 -17.27 11.34
CA ILE A 97 16.07 -16.59 12.48
C ILE A 97 15.68 -17.27 13.79
N LEU A 98 14.52 -17.91 13.83
CA LEU A 98 14.07 -18.58 15.05
C LEU A 98 14.60 -20.00 15.18
N ILE A 99 14.82 -20.71 14.06
CA ILE A 99 15.55 -21.97 14.13
C ILE A 99 16.92 -21.74 14.75
N LYS A 100 17.52 -20.57 14.49
CA LYS A 100 18.84 -20.27 15.03
C LYS A 100 18.77 -19.94 16.52
N ARG A 101 17.78 -19.13 16.92
CA ARG A 101 17.69 -18.66 18.30
C ARG A 101 17.22 -19.75 19.26
N SER A 102 16.80 -20.91 18.76
CA SER A 102 16.38 -22.02 19.61
C SER A 102 17.43 -23.13 19.68
N ASN A 103 18.67 -22.87 19.27
CA ASN A 103 19.69 -23.91 19.18
C ASN A 103 19.21 -25.07 18.33
N SER A 104 18.49 -24.76 17.26
CA SER A 104 17.91 -25.76 16.39
C SER A 104 16.98 -26.71 17.15
N THR A 105 15.76 -26.25 17.44
CA THR A 105 14.72 -27.08 18.02
C THR A 105 13.77 -27.52 16.90
N ALA A 106 13.75 -28.81 16.61
CA ALA A 106 12.93 -29.35 15.55
C ALA A 106 11.51 -29.62 16.04
N ALA A 107 10.60 -29.78 15.08
CA ALA A 107 9.21 -30.08 15.39
C ALA A 107 9.08 -31.54 15.80
N THR A 108 8.37 -31.80 16.88
CA THR A 108 8.15 -33.16 17.35
C THR A 108 6.93 -33.75 16.67
N ASN A 109 7.05 -35.00 16.23
CA ASN A 109 6.03 -35.63 15.41
C ASN A 109 4.92 -36.18 16.30
N GLU A 110 3.69 -35.75 16.05
CA GLU A 110 2.53 -36.27 16.74
C GLU A 110 1.99 -37.49 16.00
N VAL A 111 1.12 -38.23 16.68
CA VAL A 111 0.49 -39.44 16.13
C VAL A 111 -0.87 -39.06 15.58
N PRO A 112 -1.11 -39.18 14.28
CA PRO A 112 -2.41 -38.81 13.71
C PRO A 112 -3.51 -39.78 14.12
N GLU A 113 -4.71 -39.25 14.26
CA GLU A 113 -5.90 -40.02 14.62
C GLU A 113 -6.83 -40.06 13.40
N VAL A 114 -7.03 -41.24 12.85
CA VAL A 114 -7.74 -41.42 11.60
C VAL A 114 -9.15 -41.94 11.87
N THR A 115 -10.12 -41.43 11.10
CA THR A 115 -11.51 -41.85 11.22
C THR A 115 -12.14 -41.82 9.84
N VAL A 116 -12.81 -42.91 9.46
CA VAL A 116 -13.44 -43.05 8.16
C VAL A 116 -14.94 -43.17 8.33
N PHE A 117 -15.69 -42.47 7.50
CA PHE A 117 -17.15 -42.47 7.54
C PHE A 117 -17.68 -41.95 6.22
N SER A 118 -18.94 -42.26 5.95
CA SER A 118 -19.58 -41.78 4.73
C SER A 118 -20.21 -40.41 4.94
N LYS A 119 -20.44 -39.71 3.83
CA LYS A 119 -21.06 -38.40 3.90
C LYS A 119 -22.58 -38.51 4.04
N SER A 120 -23.19 -39.47 3.35
CA SER A 120 -24.62 -39.71 3.35
C SER A 120 -24.89 -41.15 3.74
N PRO A 121 -26.11 -41.46 4.19
CA PRO A 121 -26.46 -42.86 4.44
C PRO A 121 -26.32 -43.69 3.17
N VAL A 122 -25.81 -44.91 3.33
CA VAL A 122 -25.46 -45.74 2.19
C VAL A 122 -26.70 -46.46 1.68
N THR A 123 -26.96 -46.31 0.38
CA THR A 123 -27.96 -47.08 -0.35
C THR A 123 -27.29 -47.76 -1.52
N LEU A 124 -27.62 -49.03 -1.74
CA LEU A 124 -27.01 -49.80 -2.82
C LEU A 124 -27.25 -49.10 -4.16
N GLY A 125 -26.16 -48.82 -4.88
CA GLY A 125 -26.24 -48.21 -6.18
C GLY A 125 -26.38 -46.70 -6.18
N GLN A 126 -26.51 -46.07 -5.01
CA GLN A 126 -26.64 -44.61 -4.93
C GLN A 126 -25.27 -44.01 -4.67
N PRO A 127 -24.69 -43.25 -5.60
CA PRO A 127 -23.34 -42.73 -5.41
C PRO A 127 -23.20 -41.96 -4.11
N ASN A 128 -22.10 -42.21 -3.41
CA ASN A 128 -21.84 -41.63 -2.10
C ASN A 128 -20.42 -41.13 -2.06
N THR A 129 -20.00 -40.66 -0.89
CA THR A 129 -18.64 -40.13 -0.71
C THR A 129 -18.08 -40.67 0.60
N LEU A 130 -16.93 -41.33 0.52
CA LEU A 130 -16.23 -41.79 1.72
C LEU A 130 -15.30 -40.68 2.21
N ILE A 131 -15.33 -40.42 3.51
CA ILE A 131 -14.58 -39.34 4.13
C ILE A 131 -13.54 -39.94 5.07
N CYS A 132 -12.29 -39.56 4.90
CA CYS A 132 -11.20 -39.98 5.78
C CYS A 132 -10.66 -38.74 6.49
N LEU A 133 -10.97 -38.63 7.78
CA LEU A 133 -10.52 -37.51 8.60
C LEU A 133 -9.26 -37.93 9.35
N VAL A 134 -8.14 -37.31 9.02
CA VAL A 134 -6.90 -37.47 9.77
C VAL A 134 -6.73 -36.26 10.67
N ASP A 135 -6.76 -36.49 11.98
CA ASP A 135 -6.74 -35.43 12.96
C ASP A 135 -5.41 -35.44 13.72
N ASN A 136 -5.10 -34.30 14.34
CA ASN A 136 -3.91 -34.15 15.16
C ASN A 136 -2.64 -34.39 14.34
N ILE A 137 -2.52 -33.67 13.22
CA ILE A 137 -1.38 -33.79 12.33
C ILE A 137 -0.35 -32.76 12.72
N PHE A 138 0.87 -33.22 13.00
CA PHE A 138 2.03 -32.34 13.10
C PHE A 138 3.30 -33.14 12.99
N PRO A 139 4.23 -32.71 12.14
CA PRO A 139 4.19 -31.52 11.28
C PRO A 139 3.25 -31.70 10.09
N PRO A 140 2.89 -30.55 9.37
CA PRO A 140 1.91 -30.63 8.28
C PRO A 140 2.50 -31.26 7.03
N VAL A 141 2.72 -32.59 7.09
CA VAL A 141 3.26 -33.40 6.01
C VAL A 141 2.65 -34.79 6.12
N VAL A 142 1.85 -35.19 5.13
CA VAL A 142 1.25 -36.53 5.15
C VAL A 142 0.70 -36.93 3.77
N ASN A 143 0.85 -38.22 3.44
CA ASN A 143 0.23 -38.87 2.29
C ASN A 143 -1.07 -39.55 2.74
N ILE A 144 -2.15 -39.30 2.01
CA ILE A 144 -3.44 -39.93 2.27
C ILE A 144 -3.91 -40.51 0.96
N THR A 145 -4.00 -41.84 0.88
CA THR A 145 -4.49 -42.52 -0.30
C THR A 145 -5.58 -43.51 0.11
N TRP A 146 -6.47 -43.81 -0.82
CA TRP A 146 -7.51 -44.80 -0.62
C TRP A 146 -7.16 -46.10 -1.33
N LEU A 147 -7.56 -47.21 -0.73
CA LEU A 147 -7.42 -48.53 -1.33
C LEU A 147 -8.79 -49.16 -1.51
N SER A 148 -9.00 -49.78 -2.66
CA SER A 148 -10.24 -50.49 -2.96
C SER A 148 -9.91 -51.96 -3.20
N ASN A 149 -10.46 -52.83 -2.35
CA ASN A 149 -10.16 -54.27 -2.39
C ASN A 149 -8.66 -54.52 -2.28
N GLY A 150 -7.99 -53.72 -1.45
CA GLY A 150 -6.57 -53.83 -1.24
C GLY A 150 -5.70 -53.25 -2.34
N HIS A 151 -6.30 -52.64 -3.36
CA HIS A 151 -5.56 -52.07 -4.48
C HIS A 151 -5.81 -50.56 -4.54
N SER A 152 -4.83 -49.84 -5.06
CA SER A 152 -4.87 -48.39 -5.02
C SER A 152 -5.87 -47.83 -6.02
N VAL A 153 -6.40 -46.65 -5.72
CA VAL A 153 -7.41 -45.98 -6.54
C VAL A 153 -7.07 -44.50 -6.60
N THR A 154 -7.01 -43.96 -7.83
CA THR A 154 -6.78 -42.54 -8.04
C THR A 154 -7.98 -41.80 -8.57
N GLU A 155 -8.96 -42.50 -9.13
CA GLU A 155 -10.15 -41.86 -9.69
C GLU A 155 -11.10 -41.45 -8.57
N GLY A 156 -11.49 -40.19 -8.57
CA GLY A 156 -12.51 -39.73 -7.65
C GLY A 156 -12.04 -39.41 -6.25
N VAL A 157 -10.75 -39.15 -6.06
CA VAL A 157 -10.19 -38.82 -4.76
C VAL A 157 -9.82 -37.35 -4.74
N SER A 158 -10.10 -36.69 -3.62
CA SER A 158 -9.77 -35.29 -3.42
C SER A 158 -9.68 -35.02 -1.93
N GLU A 159 -9.01 -33.92 -1.57
CA GLU A 159 -8.78 -33.62 -0.16
C GLU A 159 -8.82 -32.11 0.05
N THR A 160 -8.84 -31.72 1.32
CA THR A 160 -8.80 -30.34 1.73
C THR A 160 -7.37 -29.94 2.06
N SER A 161 -7.16 -28.64 2.23
CA SER A 161 -5.88 -28.17 2.73
C SER A 161 -5.73 -28.57 4.19
N PHE A 162 -4.60 -28.20 4.78
CA PHE A 162 -4.41 -28.39 6.21
C PHE A 162 -5.26 -27.37 6.95
N LEU A 163 -6.32 -27.83 7.61
CA LEU A 163 -7.17 -26.96 8.39
C LEU A 163 -6.59 -26.78 9.79
N SER A 164 -6.75 -25.57 10.33
CA SER A 164 -6.07 -25.20 11.57
C SER A 164 -6.84 -25.71 12.79
N LYS A 165 -6.09 -25.94 13.86
CA LYS A 165 -6.65 -26.37 15.14
C LYS A 165 -6.18 -25.43 16.23
N SER A 166 -6.92 -25.43 17.35
CA SER A 166 -6.63 -24.49 18.43
C SER A 166 -5.27 -24.76 19.06
N ASP A 167 -4.83 -26.03 19.10
CA ASP A 167 -3.52 -26.38 19.62
C ASP A 167 -2.43 -26.31 18.56
N HIS A 168 -2.70 -25.61 17.46
CA HIS A 168 -1.72 -25.30 16.41
C HIS A 168 -1.21 -26.54 15.69
N SER A 169 -1.94 -27.64 15.78
CA SER A 169 -1.71 -28.77 14.89
C SER A 169 -2.57 -28.57 13.64
N PHE A 170 -2.85 -29.65 12.91
CA PHE A 170 -3.69 -29.54 11.73
C PHE A 170 -4.51 -30.82 11.59
N PHE A 171 -5.55 -30.73 10.77
CA PHE A 171 -6.27 -31.92 10.34
C PHE A 171 -6.57 -31.80 8.86
N LYS A 172 -6.61 -32.95 8.18
CA LYS A 172 -6.91 -33.02 6.76
C LYS A 172 -8.05 -34.01 6.56
N ILE A 173 -8.85 -33.75 5.53
CA ILE A 173 -9.98 -34.61 5.21
C ILE A 173 -9.86 -35.01 3.75
N SER A 174 -9.87 -36.32 3.49
CA SER A 174 -9.79 -36.86 2.14
C SER A 174 -11.15 -37.45 1.75
N TYR A 175 -11.50 -37.29 0.48
CA TYR A 175 -12.79 -37.73 -0.03
C TYR A 175 -12.60 -38.75 -1.14
N LEU A 176 -13.43 -39.79 -1.13
CA LEU A 176 -13.43 -40.81 -2.17
C LEU A 176 -14.86 -41.02 -2.63
N THR A 177 -15.15 -40.61 -3.87
CA THR A 177 -16.46 -40.87 -4.46
C THR A 177 -16.54 -42.33 -4.87
N PHE A 178 -17.49 -43.06 -4.31
CA PHE A 178 -17.61 -44.50 -4.54
C PHE A 178 -19.05 -44.85 -4.84
N LEU A 179 -19.23 -45.98 -5.53
CA LEU A 179 -20.56 -46.50 -5.83
C LEU A 179 -20.82 -47.70 -4.93
N PRO A 180 -21.73 -47.59 -3.96
CA PRO A 180 -21.94 -48.69 -3.00
C PRO A 180 -22.34 -49.98 -3.70
N SER A 181 -21.66 -51.07 -3.33
CA SER A 181 -21.94 -52.40 -3.84
C SER A 181 -21.66 -53.40 -2.73
N ALA A 182 -21.96 -54.67 -3.00
CA ALA A 182 -21.72 -55.75 -2.05
C ALA A 182 -20.37 -56.41 -2.26
N ASP A 183 -19.52 -55.85 -3.11
CA ASP A 183 -18.24 -56.46 -3.43
C ASP A 183 -17.07 -55.51 -3.33
N GLU A 184 -17.31 -54.22 -3.11
CA GLU A 184 -16.23 -53.25 -3.03
C GLU A 184 -15.90 -52.98 -1.57
N ILE A 185 -14.62 -53.04 -1.24
CA ILE A 185 -14.13 -52.84 0.12
C ILE A 185 -13.08 -51.74 0.08
N TYR A 186 -13.15 -50.82 1.05
CA TYR A 186 -12.36 -49.59 1.03
C TYR A 186 -11.53 -49.47 2.31
N ASP A 187 -10.30 -48.98 2.15
CA ASP A 187 -9.42 -48.64 3.25
C ASP A 187 -8.83 -47.26 3.02
N CYS A 188 -8.54 -46.55 4.10
CA CYS A 188 -7.86 -45.27 4.04
C CYS A 188 -6.45 -45.43 4.58
N LYS A 189 -5.45 -45.13 3.73
CA LYS A 189 -4.05 -45.36 4.04
C LYS A 189 -3.36 -44.01 4.24
N VAL A 190 -2.99 -43.71 5.48
CA VAL A 190 -2.30 -42.47 5.82
C VAL A 190 -0.90 -42.81 6.28
N GLU A 191 0.04 -41.89 6.01
CA GLU A 191 1.46 -42.10 6.31
C GLU A 191 2.03 -40.85 6.95
N HIS A 192 2.53 -40.99 8.18
CA HIS A 192 3.07 -39.85 8.91
C HIS A 192 4.28 -40.32 9.70
N TRP A 193 5.23 -39.40 9.91
CA TRP A 193 6.45 -39.74 10.62
C TRP A 193 6.19 -40.09 12.08
N GLY A 194 5.07 -39.63 12.64
CA GLY A 194 4.70 -40.06 13.98
C GLY A 194 4.13 -41.45 14.07
N LEU A 195 3.88 -42.10 12.93
CA LEU A 195 3.25 -43.42 12.90
C LEU A 195 4.26 -44.56 13.02
N ASP A 196 5.35 -44.50 12.24
CA ASP A 196 6.33 -45.56 12.09
C ASP A 196 5.73 -46.82 11.46
N GLU A 197 4.52 -46.72 10.91
CA GLU A 197 3.82 -47.83 10.26
C GLU A 197 2.62 -47.29 9.51
N PRO A 198 2.55 -47.46 8.19
CA PRO A 198 1.41 -46.93 7.43
C PRO A 198 0.06 -47.41 7.96
N LEU A 199 -0.72 -46.50 8.51
CA LEU A 199 -2.00 -46.83 9.12
C LEU A 199 -3.05 -47.08 8.04
N LEU A 200 -3.89 -48.08 8.27
CA LEU A 200 -5.01 -48.39 7.38
C LEU A 200 -6.29 -48.45 8.21
N LYS A 201 -7.22 -47.54 7.93
CA LYS A 201 -8.53 -47.53 8.57
C LYS A 201 -9.55 -48.13 7.61
N HIS A 202 -10.39 -49.02 8.12
CA HIS A 202 -11.28 -49.82 7.30
C HIS A 202 -12.70 -49.27 7.31
N TRP A 203 -13.43 -49.55 6.23
CA TRP A 203 -14.84 -49.17 6.14
C TRP A 203 -15.54 -50.10 5.16
N GLU A 204 -16.71 -50.62 5.56
CA GLU A 204 -17.49 -51.51 4.71
C GLU A 204 -18.92 -50.98 4.57
N PRO A 205 -19.51 -51.09 3.38
CA PRO A 205 -20.85 -50.53 3.16
C PRO A 205 -21.96 -51.34 3.81
N GLU A 206 -22.27 -51.05 5.07
CA GLU A 206 -23.47 -51.61 5.69
C GLU A 206 -24.68 -50.91 5.08
N ILE A 207 -25.39 -51.62 4.22
CA ILE A 207 -26.48 -51.05 3.43
C ILE A 207 -27.57 -50.46 4.32
N SER B 35 12.66 -40.48 10.52
CA SER B 35 11.96 -39.20 10.46
C SER B 35 12.91 -38.04 10.21
N PRO B 36 12.77 -37.39 9.06
CA PRO B 36 13.60 -36.22 8.78
C PRO B 36 13.16 -35.02 9.60
N GLU B 37 14.12 -34.17 9.94
CA GLU B 37 13.84 -32.99 10.74
C GLU B 37 13.00 -31.99 9.95
N ASP B 38 12.07 -31.34 10.64
CA ASP B 38 11.23 -30.32 10.03
C ASP B 38 11.05 -29.17 11.01
N PHE B 39 11.23 -27.95 10.52
CA PHE B 39 10.99 -26.72 11.28
C PHE B 39 9.83 -25.99 10.64
N VAL B 40 8.72 -25.90 11.35
CA VAL B 40 7.51 -25.27 10.86
C VAL B 40 7.48 -23.84 11.38
N TYR B 41 6.61 -23.02 10.80
CA TYR B 41 6.31 -21.69 11.33
C TYR B 41 4.89 -21.34 10.89
N GLN B 42 4.10 -20.80 11.81
CA GLN B 42 2.70 -20.49 11.57
C GLN B 42 2.39 -19.06 11.93
N PHE B 43 1.44 -18.48 11.19
CA PHE B 43 0.90 -17.17 11.50
C PHE B 43 -0.61 -17.18 11.25
N LYS B 44 -1.38 -16.79 12.26
CA LYS B 44 -2.84 -16.88 12.21
C LYS B 44 -3.44 -15.54 12.61
N GLY B 45 -4.04 -14.84 11.65
CA GLY B 45 -4.77 -13.62 11.95
C GLY B 45 -6.23 -13.93 12.23
N MET B 46 -6.54 -14.30 13.46
CA MET B 46 -7.85 -14.81 13.82
C MET B 46 -8.77 -13.69 14.29
N CYS B 47 -9.98 -13.63 13.73
CA CYS B 47 -10.99 -12.66 14.10
C CYS B 47 -12.10 -13.35 14.88
N TYR B 48 -12.59 -12.69 15.92
CA TYR B 48 -13.67 -13.20 16.76
C TYR B 48 -14.83 -12.22 16.73
N PHE B 49 -16.01 -12.70 16.32
CA PHE B 49 -17.20 -11.87 16.19
C PHE B 49 -18.26 -12.32 17.18
N THR B 50 -18.87 -11.35 17.86
CA THR B 50 -20.00 -11.61 18.75
C THR B 50 -21.03 -10.51 18.54
N ASN B 51 -22.29 -10.90 18.31
CA ASN B 51 -23.39 -9.98 18.03
C ASN B 51 -23.07 -9.11 16.81
N GLY B 52 -23.08 -9.76 15.65
CA GLY B 52 -22.74 -9.05 14.43
C GLY B 52 -21.32 -8.53 14.53
N THR B 53 -21.16 -7.22 14.45
CA THR B 53 -19.86 -6.57 14.60
C THR B 53 -19.80 -5.68 15.84
N GLU B 54 -20.67 -5.91 16.81
CA GLU B 54 -20.62 -5.18 18.09
C GLU B 54 -19.27 -5.41 18.76
N ARG B 55 -19.05 -6.60 19.29
CA ARG B 55 -17.81 -6.96 19.95
C ARG B 55 -16.98 -7.79 18.98
N VAL B 56 -15.94 -7.18 18.42
CA VAL B 56 -15.01 -7.82 17.51
C VAL B 56 -13.61 -7.76 18.11
N ARG B 57 -12.89 -8.88 18.03
CA ARG B 57 -11.58 -9.00 18.65
C ARG B 57 -10.64 -9.71 17.69
N LEU B 58 -9.47 -9.13 17.48
CA LEU B 58 -8.42 -9.71 16.64
C LEU B 58 -7.30 -10.26 17.49
N VAL B 59 -6.84 -11.46 17.16
CA VAL B 59 -5.69 -12.08 17.80
C VAL B 59 -4.80 -12.64 16.69
N SER B 60 -3.66 -11.99 16.46
CA SER B 60 -2.68 -12.46 15.48
C SER B 60 -1.62 -13.26 16.22
N ARG B 61 -1.56 -14.56 15.93
CA ARG B 61 -0.67 -15.48 16.64
C ARG B 61 0.52 -15.83 15.75
N SER B 62 1.73 -15.58 16.26
CA SER B 62 2.95 -16.03 15.62
C SER B 62 3.46 -17.25 16.38
N ILE B 63 3.66 -18.35 15.67
CA ILE B 63 3.91 -19.66 16.26
C ILE B 63 5.20 -20.22 15.68
N TYR B 64 6.09 -20.69 16.56
CA TYR B 64 7.33 -21.31 16.06
C TYR B 64 7.04 -22.72 15.54
N ASN B 65 6.91 -23.69 16.42
CA ASN B 65 6.50 -25.02 15.94
C ASN B 65 5.03 -25.24 16.24
N ARG B 66 4.72 -25.54 17.50
CA ARG B 66 3.36 -25.50 18.01
C ARG B 66 3.27 -24.50 19.16
N GLU B 67 4.26 -23.64 19.28
CA GLU B 67 4.44 -22.75 20.42
C GLU B 67 4.16 -21.32 19.95
N GLU B 68 3.09 -20.73 20.44
CA GLU B 68 2.78 -19.34 20.15
C GLU B 68 3.76 -18.45 20.90
N ILE B 69 4.59 -17.72 20.16
CA ILE B 69 5.68 -16.94 20.75
C ILE B 69 5.28 -15.49 20.97
N VAL B 70 4.66 -14.86 19.97
CA VAL B 70 4.17 -13.48 20.07
C VAL B 70 2.69 -13.48 19.71
N ARG B 71 1.94 -12.61 20.39
CA ARG B 71 0.51 -12.47 20.13
C ARG B 71 0.15 -11.00 20.16
N PHE B 72 -0.58 -10.55 19.15
CA PHE B 72 -1.20 -9.22 19.17
C PHE B 72 -2.67 -9.39 19.48
N ASP B 73 -3.04 -9.09 20.72
CA ASP B 73 -4.43 -9.12 21.15
C ASP B 73 -5.02 -7.72 20.97
N SER B 74 -6.07 -7.61 20.16
CA SER B 74 -6.67 -6.30 19.90
C SER B 74 -7.25 -5.67 21.16
N ASP B 75 -7.61 -6.47 22.16
CA ASP B 75 -8.06 -5.93 23.44
C ASP B 75 -6.91 -5.50 24.33
N VAL B 76 -5.67 -5.87 23.99
CA VAL B 76 -4.51 -5.43 24.75
C VAL B 76 -3.93 -4.15 24.16
N GLY B 77 -3.92 -4.02 22.84
CA GLY B 77 -3.46 -2.83 22.18
C GLY B 77 -2.05 -2.88 21.64
N GLU B 78 -1.23 -3.80 22.14
CA GLU B 78 0.15 -3.89 21.71
C GLU B 78 0.57 -5.36 21.71
N PHE B 79 1.79 -5.62 21.25
CA PHE B 79 2.31 -6.97 21.21
C PHE B 79 2.68 -7.45 22.61
N ARG B 80 2.48 -8.74 22.84
CA ARG B 80 2.83 -9.38 24.10
C ARG B 80 3.51 -10.71 23.80
N ALA B 81 4.75 -10.85 24.23
CA ALA B 81 5.46 -12.11 24.05
C ALA B 81 4.86 -13.18 24.96
N VAL B 82 4.57 -14.35 24.39
CA VAL B 82 4.10 -15.49 25.17
C VAL B 82 5.23 -16.46 25.49
N THR B 83 6.33 -16.41 24.75
CA THR B 83 7.43 -17.36 24.88
C THR B 83 8.74 -16.61 24.74
N LEU B 84 9.76 -17.10 25.44
CA LEU B 84 11.11 -16.55 25.39
C LEU B 84 11.56 -16.24 23.96
N LEU B 85 11.21 -17.10 23.01
CA LEU B 85 11.53 -16.84 21.61
C LEU B 85 10.88 -15.56 21.12
N GLY B 86 9.65 -15.30 21.56
CA GLY B 86 8.92 -14.13 21.11
C GLY B 86 9.30 -12.83 21.79
N LEU B 87 10.12 -12.89 22.84
CA LEU B 87 10.47 -11.67 23.55
C LEU B 87 11.22 -10.67 22.68
N PRO B 88 12.26 -11.04 21.93
CA PRO B 88 12.91 -10.05 21.06
C PRO B 88 12.02 -9.61 19.90
N ALA B 89 11.12 -10.47 19.43
CA ALA B 89 10.22 -10.08 18.36
C ALA B 89 9.17 -9.09 18.86
N ALA B 90 8.57 -9.37 20.01
CA ALA B 90 7.58 -8.46 20.57
C ALA B 90 8.21 -7.13 20.97
N GLU B 91 9.39 -7.17 21.60
CA GLU B 91 10.03 -5.93 22.02
C GLU B 91 10.39 -5.05 20.82
N TYR B 92 10.63 -5.66 19.66
CA TYR B 92 10.98 -4.87 18.48
C TYR B 92 9.74 -4.29 17.81
N TRP B 93 8.74 -5.13 17.54
CA TRP B 93 7.51 -4.64 16.90
C TRP B 93 6.86 -3.54 17.72
N ASN B 94 6.89 -3.66 19.05
CA ASN B 94 6.30 -2.64 19.89
C ASN B 94 7.03 -1.30 19.81
N SER B 95 8.30 -1.31 19.38
CA SER B 95 9.03 -0.06 19.25
C SER B 95 8.69 0.69 17.97
N GLN B 96 8.16 0.01 16.96
CA GLN B 96 7.88 0.60 15.66
C GLN B 96 6.46 1.15 15.66
N LYS B 97 6.33 2.48 15.67
CA LYS B 97 5.01 3.11 15.78
C LYS B 97 4.12 2.75 14.60
N ASP B 98 4.70 2.63 13.40
CA ASP B 98 3.89 2.35 12.21
C ASP B 98 3.24 0.97 12.28
N ILE B 99 3.96 -0.01 12.82
CA ILE B 99 3.37 -1.34 12.95
C ILE B 99 2.22 -1.32 13.93
N LEU B 100 2.41 -0.66 15.08
CA LEU B 100 1.35 -0.60 16.09
C LEU B 100 0.06 -0.02 15.51
N GLU B 101 0.17 1.05 14.71
CA GLU B 101 -1.04 1.67 14.18
C GLU B 101 -1.76 0.76 13.20
N ARG B 102 -1.00 -0.01 12.40
CA ARG B 102 -1.62 -0.94 11.47
C ARG B 102 -2.36 -2.05 12.20
N LYS B 103 -1.75 -2.62 13.25
CA LYS B 103 -2.38 -3.73 13.96
C LYS B 103 -3.59 -3.25 14.77
N ARG B 104 -3.50 -2.07 15.38
CA ARG B 104 -4.63 -1.55 16.13
C ARG B 104 -5.83 -1.31 15.23
N ALA B 105 -5.61 -1.08 13.93
CA ALA B 105 -6.67 -0.85 12.97
C ALA B 105 -7.02 -2.09 12.16
N ALA B 106 -6.31 -3.20 12.37
CA ALA B 106 -6.58 -4.41 11.60
C ALA B 106 -7.93 -5.04 11.97
N VAL B 107 -8.39 -4.83 13.20
CA VAL B 107 -9.69 -5.37 13.61
C VAL B 107 -10.80 -4.78 12.75
N ASP B 108 -10.62 -3.55 12.27
CA ASP B 108 -11.56 -2.96 11.32
C ASP B 108 -11.17 -3.27 9.88
N ARG B 109 -9.92 -3.02 9.52
CA ARG B 109 -9.49 -3.16 8.13
C ARG B 109 -9.61 -4.61 7.64
N VAL B 110 -9.40 -5.58 8.51
CA VAL B 110 -9.44 -7.00 8.15
C VAL B 110 -10.71 -7.67 8.64
N CYS B 111 -10.93 -7.71 9.96
CA CYS B 111 -12.03 -8.48 10.53
C CYS B 111 -13.38 -7.90 10.11
N ARG B 112 -13.65 -6.65 10.48
CA ARG B 112 -14.96 -6.08 10.20
C ARG B 112 -15.21 -5.93 8.71
N HIS B 113 -14.17 -5.66 7.91
CA HIS B 113 -14.34 -5.56 6.47
C HIS B 113 -14.74 -6.90 5.87
N ASN B 114 -13.99 -7.97 6.20
CA ASN B 114 -14.31 -9.28 5.67
C ASN B 114 -15.66 -9.77 6.14
N TYR B 115 -16.06 -9.40 7.37
CA TYR B 115 -17.36 -9.83 7.87
C TYR B 115 -18.49 -9.23 7.04
N GLN B 116 -18.27 -8.07 6.43
CA GLN B 116 -19.32 -7.47 5.60
C GLN B 116 -19.59 -8.30 4.36
N LEU B 117 -18.54 -8.84 3.73
CA LEU B 117 -18.74 -9.75 2.62
C LEU B 117 -19.01 -11.18 3.08
N GLU B 118 -18.63 -11.51 4.31
CA GLU B 118 -19.10 -12.76 4.91
C GLU B 118 -20.59 -12.71 5.17
N LEU B 119 -21.11 -11.52 5.50
CA LEU B 119 -22.53 -11.32 5.74
C LEU B 119 -23.37 -11.54 4.49
N ARG B 120 -22.75 -11.49 3.31
CA ARG B 120 -23.45 -11.65 2.04
C ARG B 120 -23.23 -13.01 1.40
N THR B 121 -22.36 -13.85 1.97
CA THR B 121 -22.06 -15.14 1.35
C THR B 121 -22.34 -16.31 2.30
N THR B 122 -21.36 -16.64 3.14
CA THR B 122 -21.45 -17.85 3.95
C THR B 122 -22.54 -17.74 5.02
N LEU B 123 -22.77 -16.55 5.56
CA LEU B 123 -23.82 -16.41 6.57
C LEU B 123 -25.22 -16.53 5.98
N GLN B 124 -25.35 -16.40 4.65
CA GLN B 124 -26.61 -16.67 3.97
C GLN B 124 -26.82 -18.15 3.67
N ARG B 125 -25.78 -18.98 3.85
CA ARG B 125 -25.85 -20.38 3.47
C ARG B 125 -26.71 -21.16 4.46
N ARG B 126 -27.83 -21.69 3.98
CA ARG B 126 -28.72 -22.54 4.79
C ARG B 126 -29.12 -23.73 3.93
N VAL B 127 -28.66 -24.93 4.30
CA VAL B 127 -29.03 -26.15 3.60
C VAL B 127 -29.74 -27.06 4.60
N GLU B 128 -30.83 -27.69 4.15
CA GLU B 128 -31.68 -28.45 5.04
C GLU B 128 -31.10 -29.85 5.27
N PRO B 129 -31.17 -30.37 6.50
CA PRO B 129 -30.62 -31.69 6.77
C PRO B 129 -31.49 -32.80 6.20
N THR B 130 -30.84 -33.88 5.79
CA THR B 130 -31.51 -35.09 5.36
C THR B 130 -31.47 -36.09 6.51
N VAL B 131 -32.64 -36.50 6.98
CA VAL B 131 -32.75 -37.25 8.23
C VAL B 131 -33.42 -38.59 7.95
N THR B 132 -32.76 -39.67 8.37
CA THR B 132 -33.27 -41.02 8.19
C THR B 132 -33.16 -41.80 9.50
N ILE B 133 -33.87 -42.91 9.57
CA ILE B 133 -33.96 -43.73 10.77
C ILE B 133 -33.69 -45.18 10.40
N SER B 134 -32.80 -45.82 11.17
CA SER B 134 -32.42 -47.20 10.92
C SER B 134 -31.73 -47.75 12.17
N PRO B 135 -31.91 -49.05 12.47
CA PRO B 135 -31.17 -49.65 13.59
C PRO B 135 -29.80 -50.16 13.17
N SER B 136 -29.05 -50.70 14.13
CA SER B 136 -27.71 -51.23 13.84
C SER B 136 -27.68 -52.75 14.02
N LEU B 146 -30.90 -50.89 19.11
CA LEU B 146 -30.42 -49.52 19.05
C LEU B 146 -30.97 -48.81 17.81
N LEU B 147 -31.57 -47.63 18.02
CA LEU B 147 -32.21 -46.87 16.96
C LEU B 147 -31.42 -45.60 16.70
N VAL B 148 -30.97 -45.42 15.46
CA VAL B 148 -30.12 -44.28 15.09
C VAL B 148 -30.92 -43.34 14.20
N CYS B 149 -30.71 -42.05 14.38
CA CYS B 149 -31.33 -41.01 13.56
C CYS B 149 -30.20 -40.26 12.86
N SER B 150 -30.05 -40.48 11.56
CA SER B 150 -28.92 -39.98 10.80
C SER B 150 -29.29 -38.63 10.18
N VAL B 151 -28.77 -37.56 10.76
CA VAL B 151 -29.00 -36.20 10.29
C VAL B 151 -27.74 -35.74 9.57
N THR B 152 -27.79 -35.63 8.24
CA THR B 152 -26.61 -35.39 7.43
C THR B 152 -26.79 -34.20 6.52
N ASP B 153 -25.67 -33.58 6.16
CA ASP B 153 -25.58 -32.51 5.15
C ASP B 153 -26.49 -31.34 5.51
N PHE B 154 -26.06 -30.58 6.51
CA PHE B 154 -26.75 -29.38 6.93
C PHE B 154 -25.76 -28.29 7.29
N TYR B 155 -26.18 -27.05 7.08
CA TYR B 155 -25.39 -25.87 7.45
C TYR B 155 -26.36 -24.77 7.84
N PRO B 156 -26.06 -24.04 8.93
CA PRO B 156 -24.87 -24.09 9.78
C PRO B 156 -24.82 -25.25 10.77
N ALA B 157 -24.12 -25.02 11.89
CA ALA B 157 -23.82 -26.07 12.86
C ALA B 157 -24.86 -26.17 13.96
N GLN B 158 -25.51 -25.07 14.34
CA GLN B 158 -26.49 -25.08 15.41
C GLN B 158 -27.66 -26.00 15.07
N ILE B 159 -27.80 -27.10 15.81
CA ILE B 159 -28.84 -28.07 15.55
C ILE B 159 -29.16 -28.82 16.84
N LYS B 160 -30.45 -28.94 17.15
CA LYS B 160 -30.92 -29.71 18.29
C LYS B 160 -31.94 -30.73 17.78
N VAL B 161 -31.73 -32.00 18.12
CA VAL B 161 -32.63 -33.06 17.72
C VAL B 161 -33.12 -33.78 18.97
N ARG B 162 -34.36 -34.25 18.93
CA ARG B 162 -35.00 -34.89 20.06
C ARG B 162 -35.60 -36.23 19.64
N TRP B 163 -35.66 -37.14 20.60
CA TRP B 163 -36.27 -38.45 20.39
C TRP B 163 -37.62 -38.52 21.10
N PHE B 164 -38.61 -39.08 20.41
CA PHE B 164 -39.91 -39.35 20.97
C PHE B 164 -40.16 -40.85 20.95
N ARG B 165 -40.92 -41.34 21.93
CA ARG B 165 -41.25 -42.76 21.99
C ARG B 165 -42.62 -43.04 21.41
N ASN B 166 -43.67 -42.69 22.14
CA ASN B 166 -45.04 -42.78 21.63
C ASN B 166 -45.71 -41.41 21.59
N GLY B 167 -44.95 -40.33 21.71
CA GLY B 167 -45.50 -39.01 21.86
C GLY B 167 -44.86 -38.31 23.04
N GLN B 168 -44.37 -39.12 23.99
CA GLN B 168 -43.63 -38.62 25.13
C GLN B 168 -42.13 -38.71 24.84
N GLU B 169 -41.42 -37.63 25.10
CA GLU B 169 -40.00 -37.54 24.76
C GLU B 169 -39.16 -38.55 25.54
N GLU B 170 -38.73 -39.61 24.87
CA GLU B 170 -37.82 -40.58 25.47
C GLU B 170 -36.45 -39.92 25.66
N THR B 171 -36.03 -39.81 26.92
CA THR B 171 -34.76 -39.21 27.27
C THR B 171 -33.81 -40.18 27.95
N ALA B 172 -34.26 -41.39 28.28
CA ALA B 172 -33.38 -42.40 28.86
C ALA B 172 -32.51 -43.05 27.79
N GLY B 173 -31.21 -43.14 28.06
CA GLY B 173 -30.26 -43.74 27.15
C GLY B 173 -30.29 -43.25 25.72
N VAL B 174 -30.33 -41.94 25.54
CA VAL B 174 -30.16 -41.32 24.22
C VAL B 174 -28.72 -40.86 24.00
N VAL B 175 -27.82 -41.78 23.71
CA VAL B 175 -26.45 -41.32 23.46
C VAL B 175 -26.41 -40.62 22.11
N SER B 176 -25.78 -39.46 22.08
CA SER B 176 -25.60 -38.65 20.88
C SER B 176 -24.11 -38.57 20.55
N THR B 177 -23.82 -38.32 19.29
CA THR B 177 -22.47 -38.23 18.77
C THR B 177 -22.01 -36.78 18.74
N PRO B 178 -20.70 -36.52 18.61
CA PRO B 178 -20.24 -35.13 18.43
C PRO B 178 -20.73 -34.53 17.13
N LEU B 179 -20.47 -33.25 16.91
CA LEU B 179 -20.83 -32.62 15.63
C LEU B 179 -19.71 -32.93 14.64
N ILE B 180 -20.03 -33.72 13.62
CA ILE B 180 -19.04 -34.17 12.65
C ILE B 180 -18.94 -33.13 11.54
N ARG B 181 -17.76 -32.55 11.38
CA ARG B 181 -17.51 -31.58 10.31
C ARG B 181 -17.04 -32.34 9.08
N ASN B 182 -17.85 -32.32 8.02
CA ASN B 182 -17.49 -33.03 6.79
C ASN B 182 -16.33 -32.36 6.05
N GLY B 183 -16.08 -31.08 6.31
CA GLY B 183 -15.04 -30.36 5.62
C GLY B 183 -15.42 -29.81 4.27
N ASP B 184 -16.67 -30.02 3.82
CA ASP B 184 -17.17 -29.48 2.57
C ASP B 184 -18.30 -28.48 2.80
N TRP B 185 -18.24 -27.79 3.94
CA TRP B 185 -19.27 -26.82 4.36
C TRP B 185 -20.61 -27.48 4.65
N THR B 186 -20.57 -28.73 5.15
CA THR B 186 -21.76 -29.42 5.65
C THR B 186 -21.40 -30.12 6.96
N PHE B 187 -22.42 -30.38 7.77
CA PHE B 187 -22.26 -31.11 9.01
C PHE B 187 -23.17 -32.33 9.01
N GLN B 188 -22.87 -33.28 9.91
CA GLN B 188 -23.73 -34.42 10.12
C GLN B 188 -23.62 -34.87 11.57
N ILE B 189 -24.72 -35.38 12.10
CA ILE B 189 -24.81 -35.82 13.49
C ILE B 189 -25.69 -37.05 13.57
N LEU B 190 -25.28 -38.01 14.40
CA LEU B 190 -26.01 -39.24 14.65
C LEU B 190 -26.49 -39.27 16.10
N VAL B 191 -27.72 -39.73 16.31
CA VAL B 191 -28.30 -39.82 17.65
C VAL B 191 -28.89 -41.21 17.81
N MET B 192 -28.37 -41.95 18.78
CA MET B 192 -28.82 -43.30 19.09
C MET B 192 -29.69 -43.30 20.34
N LEU B 193 -30.52 -44.33 20.46
CA LEU B 193 -31.46 -44.43 21.58
C LEU B 193 -31.56 -45.88 22.02
N GLU B 194 -31.32 -46.12 23.32
CA GLU B 194 -31.57 -47.42 23.93
C GLU B 194 -33.06 -47.73 23.87
N MET B 195 -33.49 -48.50 22.87
CA MET B 195 -34.91 -48.76 22.66
C MET B 195 -35.27 -50.15 23.20
N THR B 196 -36.29 -50.19 24.05
CA THR B 196 -36.94 -51.42 24.44
C THR B 196 -38.20 -51.55 23.60
N PRO B 197 -38.12 -52.23 22.44
CA PRO B 197 -39.18 -52.10 21.44
C PRO B 197 -40.43 -52.92 21.71
N GLN B 198 -40.36 -53.91 22.60
CA GLN B 198 -41.48 -54.81 22.84
C GLN B 198 -42.75 -54.03 23.20
N ARG B 199 -43.78 -54.22 22.37
CA ARG B 199 -45.07 -53.54 22.47
C ARG B 199 -44.96 -52.03 22.29
N GLY B 200 -43.82 -51.53 21.81
CA GLY B 200 -43.74 -50.16 21.36
C GLY B 200 -44.43 -49.97 20.02
N ASP B 201 -44.81 -48.73 19.72
CA ASP B 201 -45.67 -48.46 18.58
C ASP B 201 -44.99 -47.59 17.52
N VAL B 202 -44.57 -46.36 17.85
CA VAL B 202 -44.10 -45.45 16.81
C VAL B 202 -43.04 -44.48 17.33
N TYR B 203 -41.77 -44.87 17.20
CA TYR B 203 -40.67 -43.96 17.54
C TYR B 203 -40.60 -42.82 16.53
N THR B 204 -40.14 -41.66 16.99
CA THR B 204 -40.10 -40.46 16.18
C THR B 204 -38.81 -39.69 16.41
N CYS B 205 -38.15 -39.29 15.33
CA CYS B 205 -37.02 -38.38 15.40
C CYS B 205 -37.48 -36.98 14.99
N HIS B 206 -37.07 -35.98 15.77
CA HIS B 206 -37.54 -34.61 15.59
C HIS B 206 -36.33 -33.68 15.66
N VAL B 207 -36.07 -32.99 14.55
CA VAL B 207 -34.88 -32.16 14.40
C VAL B 207 -35.32 -30.72 14.12
N GLU B 208 -34.54 -29.77 14.63
CA GLU B 208 -34.79 -28.35 14.39
C GLU B 208 -33.50 -27.68 13.93
N HIS B 209 -33.62 -26.78 12.97
CA HIS B 209 -32.46 -26.22 12.28
C HIS B 209 -32.81 -24.81 11.80
N PRO B 210 -31.82 -23.92 11.67
CA PRO B 210 -32.11 -22.56 11.19
C PRO B 210 -32.62 -22.51 9.75
N SER B 211 -32.43 -23.57 8.97
CA SER B 211 -32.97 -23.59 7.61
C SER B 211 -34.41 -24.09 7.56
N LEU B 212 -34.93 -24.60 8.66
CA LEU B 212 -36.26 -25.21 8.71
C LEU B 212 -37.25 -24.20 9.27
N GLN B 213 -38.19 -23.75 8.44
CA GLN B 213 -39.29 -22.93 8.93
C GLN B 213 -40.12 -23.71 9.95
N SER B 214 -40.52 -24.92 9.59
CA SER B 214 -41.14 -25.87 10.49
C SER B 214 -40.25 -27.09 10.65
N PRO B 215 -40.08 -27.58 11.87
CA PRO B 215 -39.10 -28.66 12.11
C PRO B 215 -39.50 -29.96 11.42
N ILE B 216 -38.48 -30.78 11.17
CA ILE B 216 -38.65 -32.06 10.47
C ILE B 216 -39.03 -33.14 11.48
N THR B 217 -40.00 -33.97 11.10
CA THR B 217 -40.42 -35.11 11.92
C THR B 217 -40.49 -36.34 11.01
N VAL B 218 -39.73 -37.38 11.37
CA VAL B 218 -39.73 -38.65 10.65
C VAL B 218 -39.85 -39.77 11.68
N GLU B 219 -40.76 -40.71 11.41
CA GLU B 219 -41.15 -41.71 12.40
C GLU B 219 -40.69 -43.10 11.97
N TRP B 220 -40.94 -44.08 12.84
CA TRP B 220 -40.45 -45.46 12.65
C TRP B 220 -41.41 -46.40 13.37
N ARG B 221 -42.40 -46.91 12.64
CA ARG B 221 -43.35 -47.88 13.21
C ARG B 221 -42.89 -49.31 12.94
N ALA C 1 -12.90 -7.02 -1.92
CA ALA C 1 -12.00 -8.16 -1.79
C ALA C 1 -11.72 -8.46 -0.32
N PRO C 2 -11.50 -9.73 -0.01
CA PRO C 2 -11.13 -10.11 1.37
C PRO C 2 -9.73 -9.63 1.69
N PHE C 3 -9.61 -8.82 2.74
CA PHE C 3 -8.29 -8.47 3.26
C PHE C 3 -7.78 -9.57 4.18
N SER C 4 -6.47 -9.60 4.36
CA SER C 4 -5.84 -10.61 5.20
C SER C 4 -4.77 -9.98 6.07
N GLU C 5 -4.54 -10.59 7.22
CA GLU C 5 -3.57 -10.07 8.18
C GLU C 5 -2.15 -10.33 7.69
N GLN C 6 -1.23 -9.44 8.07
CA GLN C 6 0.15 -9.46 7.61
C GLN C 6 1.09 -9.76 8.76
N GLU C 7 1.97 -10.73 8.56
CA GLU C 7 3.00 -11.02 9.56
C GLU C 7 4.17 -10.05 9.40
N GLN C 8 4.74 -9.64 10.55
CA GLN C 8 5.80 -8.65 10.60
C GLN C 8 7.17 -9.31 10.59
N PRO C 9 8.16 -8.67 9.96
CA PRO C 9 9.52 -9.24 9.96
C PRO C 9 10.26 -8.94 11.24
N VAL C 10 11.04 -9.93 11.70
CA VAL C 10 11.86 -9.78 12.89
C VAL C 10 13.24 -9.28 12.47
N LEU C 11 13.97 -8.73 13.44
CA LEU C 11 15.31 -8.23 13.18
C LEU C 11 16.29 -9.40 13.04
N GLY C 12 17.06 -9.39 11.95
CA GLY C 12 18.05 -10.42 11.72
C GLY C 12 19.22 -10.38 12.69
N ASN D 2 -9.27 9.77 -7.58
CA ASN D 2 -10.27 8.70 -7.54
C ASN D 2 -10.48 8.25 -6.09
N SER D 3 -11.74 8.28 -5.64
CA SER D 3 -12.17 7.95 -4.28
C SER D 3 -11.70 8.97 -3.25
N VAL D 4 -10.91 9.99 -3.64
CA VAL D 4 -10.48 11.06 -2.75
C VAL D 4 -10.62 12.36 -3.52
N THR D 5 -11.52 13.23 -3.06
CA THR D 5 -11.76 14.53 -3.69
C THR D 5 -11.13 15.62 -2.85
N GLN D 6 -10.35 16.49 -3.50
CA GLN D 6 -9.61 17.54 -2.84
C GLN D 6 -10.23 18.89 -3.16
N MET D 7 -9.78 19.92 -2.44
CA MET D 7 -10.24 21.28 -2.68
C MET D 7 -9.67 21.75 -4.01
N GLU D 8 -10.48 21.64 -5.07
CA GLU D 8 -10.06 22.07 -6.39
C GLU D 8 -9.75 23.56 -6.42
N GLY D 9 -8.63 23.92 -7.02
CA GLY D 9 -8.32 25.31 -7.26
C GLY D 9 -7.20 25.84 -6.38
N PRO D 10 -6.47 26.83 -6.88
CA PRO D 10 -5.38 27.42 -6.10
C PRO D 10 -5.90 28.22 -4.92
N VAL D 11 -5.04 28.35 -3.91
CA VAL D 11 -5.34 29.11 -2.70
C VAL D 11 -4.23 30.11 -2.45
N THR D 12 -4.59 31.33 -2.07
CA THR D 12 -3.64 32.38 -1.75
C THR D 12 -4.05 33.02 -0.42
N LEU D 13 -3.10 33.13 0.50
CA LEU D 13 -3.39 33.62 1.84
C LEU D 13 -2.26 34.56 2.30
N SER D 14 -2.53 35.29 3.37
CA SER D 14 -1.56 36.22 3.94
C SER D 14 -0.65 35.49 4.91
N GLU D 15 0.29 36.24 5.50
CA GLU D 15 1.40 35.63 6.23
C GLU D 15 0.99 35.02 7.57
N GLU D 16 -0.21 35.31 8.08
CA GLU D 16 -0.64 34.73 9.35
C GLU D 16 -2.06 34.18 9.28
N ALA D 17 -2.58 33.94 8.07
CA ALA D 17 -3.95 33.52 7.89
C ALA D 17 -4.15 32.09 8.38
N PHE D 18 -5.40 31.64 8.36
CA PHE D 18 -5.78 30.29 8.75
C PHE D 18 -6.02 29.47 7.49
N LEU D 19 -5.24 28.40 7.33
CA LEU D 19 -5.33 27.54 6.15
C LEU D 19 -6.30 26.41 6.41
N THR D 20 -7.18 26.15 5.44
CA THR D 20 -8.09 25.02 5.50
C THR D 20 -8.27 24.47 4.09
N ILE D 21 -7.82 23.24 3.88
CA ILE D 21 -7.94 22.54 2.61
C ILE D 21 -8.89 21.37 2.82
N ASN D 22 -10.05 21.42 2.17
CA ASN D 22 -11.01 20.34 2.28
C ASN D 22 -10.52 19.10 1.55
N CYS D 23 -10.79 17.94 2.14
CA CYS D 23 -10.57 16.65 1.46
C CYS D 23 -11.59 15.67 2.01
N THR D 24 -12.31 15.02 1.10
CA THR D 24 -13.28 13.99 1.47
C THR D 24 -12.90 12.68 0.79
N TYR D 25 -13.34 11.58 1.40
CA TYR D 25 -13.16 10.26 0.83
C TYR D 25 -14.52 9.59 0.66
N THR D 26 -14.55 8.56 -0.17
CA THR D 26 -15.78 7.83 -0.45
C THR D 26 -15.69 6.34 -0.15
N ALA D 27 -14.50 5.74 -0.27
CA ALA D 27 -14.38 4.29 -0.34
C ALA D 27 -15.02 3.59 0.84
N THR D 28 -15.65 2.45 0.56
CA THR D 28 -16.19 1.59 1.60
C THR D 28 -15.05 0.98 2.42
N GLY D 29 -15.41 0.43 3.57
CA GLY D 29 -14.42 -0.14 4.45
C GLY D 29 -13.81 0.91 5.36
N TYR D 30 -12.56 0.68 5.79
CA TYR D 30 -11.89 1.53 6.76
C TYR D 30 -10.51 1.88 6.21
N PRO D 31 -10.43 2.89 5.35
CA PRO D 31 -9.15 3.24 4.72
C PRO D 31 -8.33 4.19 5.58
N SER D 32 -7.05 4.24 5.27
CA SER D 32 -6.15 5.23 5.83
C SER D 32 -6.17 6.49 4.95
N LEU D 33 -5.93 7.64 5.58
CA LEU D 33 -5.94 8.90 4.87
C LEU D 33 -4.61 9.62 5.08
N PHE D 34 -4.09 10.23 4.02
CA PHE D 34 -2.77 10.84 4.04
C PHE D 34 -2.83 12.28 3.55
N TRP D 35 -1.78 13.03 3.87
CA TRP D 35 -1.53 14.34 3.31
C TRP D 35 -0.07 14.40 2.89
N TYR D 36 0.18 14.62 1.61
CA TYR D 36 1.53 14.76 1.08
C TYR D 36 1.77 16.21 0.68
N VAL D 37 2.96 16.71 0.97
CA VAL D 37 3.37 18.06 0.59
C VAL D 37 4.47 17.96 -0.46
N GLN D 38 4.47 18.90 -1.39
CA GLN D 38 5.52 18.98 -2.42
C GLN D 38 5.96 20.44 -2.50
N TYR D 39 7.04 20.77 -1.81
CA TYR D 39 7.58 22.11 -1.86
C TYR D 39 8.14 22.40 -3.25
N PRO D 40 8.13 23.66 -3.68
CA PRO D 40 8.55 23.99 -5.05
C PRO D 40 10.00 23.58 -5.30
N GLY D 41 10.20 22.70 -6.28
CA GLY D 41 11.52 22.21 -6.59
C GLY D 41 12.00 21.06 -5.74
N GLU D 42 11.08 20.24 -5.22
CA GLU D 42 11.41 19.11 -4.38
C GLU D 42 10.49 17.94 -4.72
N GLY D 43 10.72 16.81 -4.04
CA GLY D 43 9.88 15.64 -4.17
C GLY D 43 8.73 15.65 -3.18
N LEU D 44 7.94 14.59 -3.22
CA LEU D 44 6.78 14.48 -2.35
C LEU D 44 7.19 13.95 -0.98
N GLN D 45 6.87 14.71 0.07
CA GLN D 45 7.03 14.27 1.44
C GLN D 45 5.66 13.88 2.01
N LEU D 46 5.69 12.98 3.00
CA LEU D 46 4.49 12.71 3.79
C LEU D 46 4.37 13.78 4.86
N LEU D 47 3.24 14.49 4.87
CA LEU D 47 3.03 15.52 5.88
C LEU D 47 2.47 14.91 7.17
N LEU D 48 1.31 14.28 7.08
CA LEU D 48 0.68 13.65 8.24
C LEU D 48 -0.33 12.62 7.74
N LYS D 49 -0.77 11.75 8.64
CA LYS D 49 -1.66 10.67 8.27
C LYS D 49 -2.46 10.23 9.49
N ALA D 50 -3.66 9.72 9.23
CA ALA D 50 -4.51 9.11 10.25
C ALA D 50 -4.85 7.70 9.78
N THR D 51 -4.60 6.72 10.63
CA THR D 51 -4.77 5.33 10.23
C THR D 51 -6.18 4.79 10.46
N LYS D 52 -6.93 5.35 11.41
CA LYS D 52 -8.25 4.81 11.71
C LYS D 52 -9.17 5.93 12.19
N ALA D 53 -10.29 5.55 12.78
CA ALA D 53 -11.34 6.49 13.14
C ALA D 53 -10.90 7.43 14.27
N ASP D 54 -11.26 8.71 14.13
CA ASP D 54 -11.02 9.78 15.09
C ASP D 54 -9.54 10.01 15.40
N ASP D 55 -8.63 9.39 14.66
CA ASP D 55 -7.21 9.68 14.80
C ASP D 55 -6.89 10.99 14.11
N LYS D 56 -6.08 11.82 14.76
CA LYS D 56 -5.72 13.14 14.26
C LYS D 56 -4.21 13.18 14.00
N GLY D 57 -3.85 13.42 12.74
CA GLY D 57 -2.45 13.58 12.38
C GLY D 57 -2.04 15.04 12.48
N SER D 58 -0.87 15.29 13.06
CA SER D 58 -0.37 16.64 13.27
C SER D 58 1.13 16.69 12.99
N ASN D 59 1.55 17.74 12.29
CA ASN D 59 2.94 17.90 11.87
C ASN D 59 3.14 19.32 11.36
N LYS D 60 4.27 19.94 11.75
CA LYS D 60 4.64 21.28 11.30
C LYS D 60 3.54 22.30 11.57
N GLY D 61 2.74 22.07 12.61
CA GLY D 61 1.60 22.92 12.87
C GLY D 61 0.38 22.63 12.05
N PHE D 62 0.44 21.67 11.12
CA PHE D 62 -0.74 21.23 10.39
C PHE D 62 -1.48 20.18 11.19
N GLU D 63 -2.80 20.21 11.12
CA GLU D 63 -3.63 19.23 11.80
C GLU D 63 -4.70 18.74 10.84
N ALA D 64 -5.07 17.46 10.98
CA ALA D 64 -6.13 16.87 10.19
C ALA D 64 -6.78 15.75 10.99
N THR D 65 -8.10 15.86 11.21
CA THR D 65 -8.83 14.86 11.96
C THR D 65 -9.62 13.98 11.00
N TYR D 66 -9.35 12.67 11.05
CA TYR D 66 -10.11 11.67 10.29
C TYR D 66 -11.52 11.58 10.89
N ARG D 67 -12.51 12.11 10.17
CA ARG D 67 -13.88 12.19 10.67
C ARG D 67 -14.76 11.25 9.86
N LYS D 68 -15.23 10.16 10.49
CA LYS D 68 -16.11 9.23 9.81
C LYS D 68 -17.51 9.80 9.60
N GLU D 69 -17.97 10.65 10.53
CA GLU D 69 -19.33 11.17 10.45
C GLU D 69 -19.55 11.98 9.19
N THR D 70 -18.48 12.56 8.62
CA THR D 70 -18.60 13.41 7.44
C THR D 70 -17.68 12.94 6.31
N THR D 71 -17.07 11.75 6.44
CA THR D 71 -16.15 11.20 5.44
C THR D 71 -15.13 12.24 4.99
N SER D 72 -14.59 12.99 5.96
CA SER D 72 -13.71 14.11 5.67
C SER D 72 -12.34 13.89 6.31
N PHE D 73 -11.40 14.76 5.93
CA PHE D 73 -10.04 14.76 6.44
C PHE D 73 -9.40 16.10 6.13
N HIS D 74 -10.04 17.18 6.58
CA HIS D 74 -9.63 18.51 6.18
C HIS D 74 -8.32 18.89 6.86
N LEU D 75 -7.42 19.48 6.08
CA LEU D 75 -6.14 19.96 6.58
C LEU D 75 -6.29 21.37 7.12
N GLU D 76 -5.69 21.62 8.28
CA GLU D 76 -5.80 22.92 8.94
C GLU D 76 -4.45 23.34 9.52
N LYS D 77 -4.23 24.65 9.53
CA LYS D 77 -3.07 25.23 10.20
C LYS D 77 -3.46 26.59 10.75
N GLY D 78 -3.15 26.82 12.02
CA GLY D 78 -3.64 28.02 12.67
C GLY D 78 -3.02 29.29 12.14
N SER D 79 -1.69 29.34 12.11
CA SER D 79 -0.94 30.50 11.63
C SER D 79 -0.06 30.03 10.48
N VAL D 80 -0.54 30.21 9.25
CA VAL D 80 0.24 29.81 8.09
C VAL D 80 1.49 30.68 7.99
N GLN D 81 2.44 30.24 7.17
CA GLN D 81 3.71 30.94 7.00
C GLN D 81 4.07 30.97 5.52
N VAL D 82 4.94 31.92 5.16
CA VAL D 82 5.37 32.05 3.78
C VAL D 82 6.13 30.81 3.33
N SER D 83 6.85 30.18 4.25
CA SER D 83 7.58 28.96 3.91
C SER D 83 6.64 27.80 3.63
N ASP D 84 5.37 27.91 4.02
CA ASP D 84 4.38 26.86 3.77
C ASP D 84 3.86 26.86 2.35
N SER D 85 4.39 27.72 1.48
CA SER D 85 3.93 27.78 0.09
C SER D 85 4.39 26.53 -0.64
N ALA D 86 3.44 25.67 -1.00
CA ALA D 86 3.73 24.42 -1.68
C ALA D 86 2.45 23.87 -2.28
N VAL D 87 2.50 22.64 -2.76
CA VAL D 87 1.34 21.92 -3.27
C VAL D 87 1.03 20.78 -2.32
N TYR D 88 -0.22 20.68 -1.90
CA TYR D 88 -0.64 19.72 -0.89
C TYR D 88 -1.56 18.69 -1.52
N PHE D 89 -1.21 17.42 -1.36
CA PHE D 89 -1.92 16.30 -1.97
C PHE D 89 -2.61 15.48 -0.89
N CYS D 90 -3.91 15.24 -1.07
CA CYS D 90 -4.65 14.31 -0.23
C CYS D 90 -4.59 12.93 -0.88
N ALA D 91 -4.28 11.91 -0.07
CA ALA D 91 -4.07 10.57 -0.59
C ALA D 91 -4.69 9.54 0.33
N SER D 92 -5.24 8.48 -0.26
CA SER D 92 -5.80 7.36 0.48
C SER D 92 -5.59 6.10 -0.34
N PRO D 93 -5.03 5.05 0.24
CA PRO D 93 -4.82 3.82 -0.52
C PRO D 93 -6.14 3.08 -0.75
N GLN D 94 -6.32 2.59 -1.97
CA GLN D 94 -7.55 1.95 -2.38
C GLN D 94 -7.24 0.61 -3.03
N GLY D 95 -8.28 -0.20 -3.20
CA GLY D 95 -8.14 -1.51 -3.79
C GLY D 95 -7.68 -2.55 -2.78
N GLY D 96 -7.70 -3.81 -3.21
CA GLY D 96 -7.28 -4.89 -2.35
C GLY D 96 -5.82 -4.87 -1.99
N SER D 97 -5.00 -4.19 -2.79
CA SER D 97 -3.56 -4.10 -2.56
C SER D 97 -3.14 -2.80 -1.91
N GLU D 98 -4.07 -1.89 -1.66
CA GLU D 98 -3.79 -0.60 -1.03
C GLU D 98 -2.74 0.18 -1.84
N LYS D 99 -3.16 0.57 -3.04
CA LYS D 99 -2.35 1.40 -3.91
C LYS D 99 -2.58 2.87 -3.56
N LEU D 100 -1.49 3.60 -3.36
CA LEU D 100 -1.57 5.01 -2.95
C LEU D 100 -1.93 5.84 -4.18
N VAL D 101 -3.20 6.28 -4.24
CA VAL D 101 -3.69 7.11 -5.34
C VAL D 101 -3.87 8.54 -4.80
N PHE D 102 -3.44 9.51 -5.59
CA PHE D 102 -3.40 10.91 -5.17
C PHE D 102 -4.54 11.70 -5.82
N GLY D 103 -5.05 12.67 -5.07
CA GLY D 103 -6.01 13.62 -5.62
C GLY D 103 -5.33 14.61 -6.54
N LYS D 104 -6.14 15.56 -7.03
CA LYS D 104 -5.62 16.57 -7.95
C LYS D 104 -4.54 17.42 -7.30
N GLY D 105 -4.64 17.65 -6.00
CA GLY D 105 -3.74 18.56 -5.31
C GLY D 105 -4.32 19.96 -5.21
N THR D 106 -3.76 20.73 -4.28
CA THR D 106 -4.18 22.11 -4.05
C THR D 106 -2.94 22.98 -3.91
N LYS D 107 -2.77 23.90 -4.85
CA LYS D 107 -1.63 24.81 -4.81
C LYS D 107 -1.89 25.90 -3.78
N LEU D 108 -0.90 26.16 -2.93
CA LEU D 108 -1.01 27.18 -1.88
C LEU D 108 0.20 28.08 -1.95
N THR D 109 -0.03 29.36 -2.18
CA THR D 109 1.01 30.38 -2.10
C THR D 109 0.67 31.32 -0.96
N VAL D 110 1.61 31.52 -0.04
CA VAL D 110 1.43 32.37 1.11
C VAL D 110 2.23 33.64 0.87
N ASN D 111 1.53 34.75 0.65
CA ASN D 111 2.18 36.04 0.46
C ASN D 111 2.54 36.65 1.82
N PRO D 112 3.63 37.40 1.88
CA PRO D 112 4.01 38.05 3.13
C PRO D 112 3.25 39.35 3.33
N TYR D 113 3.15 39.75 4.58
CA TYR D 113 2.52 41.02 4.95
C TYR D 113 3.59 42.11 4.89
N ILE D 114 3.50 42.97 3.89
CA ILE D 114 4.47 44.04 3.69
C ILE D 114 4.05 45.22 4.58
N GLN D 115 4.70 45.33 5.73
CA GLN D 115 4.40 46.37 6.72
C GLN D 115 4.38 47.76 6.11
N ASN D 116 5.55 48.24 5.69
CA ASN D 116 5.73 49.59 5.15
C ASN D 116 6.30 49.49 3.75
N PRO D 117 5.46 49.50 2.72
CA PRO D 117 5.96 49.43 1.35
C PRO D 117 6.87 50.59 1.00
N ASP D 118 7.75 50.35 0.03
CA ASP D 118 8.66 51.36 -0.48
C ASP D 118 8.84 51.16 -1.98
N PRO D 119 7.75 51.09 -2.76
CA PRO D 119 7.88 50.65 -4.17
C PRO D 119 8.88 51.47 -4.97
N ALA D 120 9.65 50.78 -5.80
CA ALA D 120 10.68 51.42 -6.60
C ALA D 120 10.96 50.54 -7.80
N VAL D 121 11.48 51.17 -8.86
CA VAL D 121 11.81 50.47 -10.11
C VAL D 121 13.27 50.85 -10.43
N TYR D 122 14.20 50.06 -9.93
CA TYR D 122 15.62 50.33 -10.11
C TYR D 122 16.13 49.73 -11.42
N GLN D 123 17.23 50.27 -11.89
CA GLN D 123 17.95 49.75 -13.06
C GLN D 123 19.27 49.17 -12.60
N LEU D 124 19.44 47.87 -12.80
CA LEU D 124 20.67 47.17 -12.46
C LEU D 124 21.40 46.81 -13.76
N ARG D 125 22.68 47.15 -13.83
CA ARG D 125 23.46 46.96 -15.05
C ARG D 125 24.49 45.86 -14.85
N ASP D 126 24.89 45.24 -15.96
CA ASP D 126 25.72 44.04 -15.93
C ASP D 126 27.03 44.30 -15.19
N SER D 127 27.54 43.24 -14.54
CA SER D 127 28.83 43.31 -13.86
C SER D 127 30.00 42.99 -14.76
N LYS D 128 29.75 42.37 -15.92
CA LYS D 128 30.78 42.10 -16.91
C LYS D 128 30.87 43.20 -17.96
N SER D 129 29.75 43.58 -18.55
CA SER D 129 29.68 44.69 -19.49
C SER D 129 29.08 45.90 -18.77
N SER D 130 28.75 46.94 -19.55
CA SER D 130 28.06 48.10 -18.99
C SER D 130 27.12 48.74 -20.00
N ASP D 131 26.57 47.93 -20.92
CA ASP D 131 25.59 48.40 -21.88
C ASP D 131 24.39 47.46 -21.99
N LYS D 132 24.27 46.50 -21.07
CA LYS D 132 23.10 45.65 -20.95
C LYS D 132 22.65 45.66 -19.50
N SER D 133 21.39 46.00 -19.25
CA SER D 133 20.90 46.22 -17.90
C SER D 133 19.57 45.51 -17.69
N VAL D 134 19.02 45.63 -16.48
CA VAL D 134 17.81 44.91 -16.07
C VAL D 134 17.03 45.77 -15.08
N CYS D 135 15.72 45.88 -15.30
CA CYS D 135 14.85 46.67 -14.41
C CYS D 135 14.31 45.78 -13.30
N LEU D 136 14.31 46.29 -12.08
CA LEU D 136 13.95 45.53 -10.89
C LEU D 136 12.91 46.27 -10.07
N PHE D 137 11.79 45.60 -9.79
CA PHE D 137 10.69 46.15 -9.01
C PHE D 137 10.70 45.50 -7.63
N THR D 138 10.81 46.32 -6.58
CA THR D 138 10.92 45.80 -5.23
C THR D 138 9.98 46.52 -4.28
N ASP D 139 9.90 45.96 -3.07
CA ASP D 139 9.27 46.58 -1.90
C ASP D 139 7.84 47.02 -2.16
N PHE D 140 7.14 46.33 -3.05
CA PHE D 140 5.75 46.65 -3.31
C PHE D 140 4.83 45.76 -2.46
N ASP D 141 3.55 46.12 -2.45
CA ASP D 141 2.59 45.43 -1.60
C ASP D 141 2.26 44.05 -2.16
N SER D 142 1.85 43.15 -1.27
CA SER D 142 1.40 41.83 -1.71
C SER D 142 0.12 41.91 -2.54
N GLN D 143 -0.64 42.99 -2.42
CA GLN D 143 -1.80 43.17 -3.28
C GLN D 143 -1.41 43.58 -4.69
N THR D 144 -0.24 44.21 -4.84
CA THR D 144 0.23 44.60 -6.16
C THR D 144 0.52 43.37 -7.01
N ASN D 145 0.15 43.42 -8.28
CA ASN D 145 0.34 42.31 -9.20
C ASN D 145 0.92 42.80 -10.52
N VAL D 146 1.72 41.94 -11.15
CA VAL D 146 2.38 42.27 -12.41
C VAL D 146 1.85 41.33 -13.49
N SER D 147 1.93 41.80 -14.74
CA SER D 147 1.47 41.03 -15.89
C SER D 147 2.52 41.07 -16.99
N GLN D 148 2.49 40.05 -17.84
CA GLN D 148 3.41 40.00 -18.97
C GLN D 148 3.20 41.20 -19.89
N SER D 149 4.29 41.73 -20.42
CA SER D 149 4.22 42.93 -21.22
C SER D 149 3.48 42.68 -22.53
N LYS D 150 2.87 43.74 -23.07
CA LYS D 150 2.15 43.61 -24.33
C LYS D 150 3.08 43.31 -25.49
N ASP D 151 4.28 43.90 -25.47
CA ASP D 151 5.25 43.67 -26.53
C ASP D 151 5.73 42.22 -26.48
N SER D 152 5.77 41.58 -27.65
CA SER D 152 6.18 40.18 -27.72
C SER D 152 7.65 40.01 -27.35
N ASP D 153 8.49 41.01 -27.64
CA ASP D 153 9.93 40.93 -27.40
C ASP D 153 10.32 41.68 -26.14
N VAL D 154 9.48 41.66 -25.11
CA VAL D 154 9.79 42.23 -23.81
C VAL D 154 9.42 41.20 -22.75
N TYR D 155 10.37 40.86 -21.90
CA TYR D 155 10.22 39.80 -20.91
C TYR D 155 10.03 40.40 -19.52
N ILE D 156 9.01 39.94 -18.81
CA ILE D 156 8.81 40.28 -17.40
C ILE D 156 8.59 38.99 -16.62
N THR D 157 9.32 38.84 -15.53
CA THR D 157 9.10 37.71 -14.64
C THR D 157 7.83 37.94 -13.82
N ASP D 158 7.34 36.86 -13.23
CA ASP D 158 6.31 36.97 -12.20
C ASP D 158 6.97 37.22 -10.86
N LYS D 159 6.23 37.86 -9.95
CA LYS D 159 6.81 38.26 -8.69
C LYS D 159 7.23 37.06 -7.85
N CYS D 160 8.15 37.29 -6.93
CA CYS D 160 8.63 36.27 -6.02
C CYS D 160 8.98 36.92 -4.68
N VAL D 161 8.92 36.13 -3.61
CA VAL D 161 9.07 36.64 -2.26
C VAL D 161 10.37 36.14 -1.68
N LEU D 162 11.23 37.06 -1.27
CA LEU D 162 12.49 36.77 -0.59
C LEU D 162 12.44 37.29 0.84
N ASP D 163 13.05 36.54 1.76
CA ASP D 163 13.02 36.84 3.18
C ASP D 163 14.44 36.80 3.74
N MET D 164 14.92 37.96 4.19
CA MET D 164 16.19 38.06 4.90
C MET D 164 15.92 37.81 6.37
N ARG D 165 16.07 36.56 6.81
CA ARG D 165 15.68 36.19 8.18
C ARG D 165 16.50 36.92 9.23
N SER D 166 17.76 37.22 8.93
CA SER D 166 18.64 37.84 9.92
C SER D 166 18.08 39.16 10.44
N MET D 167 17.22 39.81 9.67
CA MET D 167 16.68 41.09 10.06
C MET D 167 15.16 41.10 10.08
N ASP D 168 14.54 39.92 9.93
CA ASP D 168 13.08 39.76 10.02
C ASP D 168 12.36 40.64 9.00
N PHE D 169 12.85 40.57 7.76
CA PHE D 169 12.38 41.43 6.68
C PHE D 169 12.09 40.58 5.43
N LYS D 170 10.90 40.77 4.86
CA LYS D 170 10.51 40.14 3.61
C LYS D 170 10.04 41.19 2.63
N SER D 171 10.31 40.97 1.34
CA SER D 171 9.91 41.91 0.31
C SER D 171 9.67 41.17 -1.00
N ASN D 172 8.78 41.72 -1.81
CA ASN D 172 8.48 41.17 -3.12
C ASN D 172 9.46 41.73 -4.16
N SER D 173 9.46 41.11 -5.34
CA SER D 173 10.46 41.43 -6.36
C SER D 173 10.00 40.93 -7.72
N ALA D 174 10.32 41.70 -8.76
CA ALA D 174 10.08 41.30 -10.13
C ALA D 174 11.18 41.89 -11.01
N VAL D 175 11.39 41.26 -12.17
CA VAL D 175 12.49 41.60 -13.05
C VAL D 175 11.95 41.80 -14.47
N ALA D 176 12.38 42.88 -15.11
CA ALA D 176 12.06 43.15 -16.51
C ALA D 176 13.35 43.47 -17.26
N TRP D 177 13.47 42.94 -18.47
CA TRP D 177 14.65 43.17 -19.29
C TRP D 177 14.28 43.05 -20.76
N SER D 178 15.11 43.64 -21.61
CA SER D 178 14.95 43.54 -23.05
C SER D 178 16.21 44.03 -23.78
N ASP D 182 12.21 50.93 -28.78
CA ASP D 182 13.10 50.72 -27.64
C ASP D 182 12.48 51.25 -26.36
N PHE D 183 12.47 50.43 -25.33
CA PHE D 183 11.89 50.78 -24.04
C PHE D 183 12.98 51.17 -23.04
N ALA D 184 12.53 51.66 -21.88
CA ALA D 184 13.40 51.98 -20.76
C ALA D 184 12.71 51.51 -19.47
N CYS D 185 13.43 51.63 -18.35
CA CYS D 185 12.90 51.14 -17.08
C CYS D 185 11.63 51.86 -16.67
N ALA D 186 11.51 53.14 -17.00
CA ALA D 186 10.38 53.94 -16.54
C ALA D 186 9.06 53.44 -17.11
N ASN D 187 9.08 52.89 -18.32
CA ASN D 187 7.87 52.39 -18.97
C ASN D 187 7.90 50.89 -19.17
N ALA D 188 8.92 50.20 -18.67
CA ALA D 188 9.00 48.75 -18.84
C ALA D 188 7.96 48.04 -17.98
N PHE D 189 7.86 48.42 -16.70
CA PHE D 189 6.97 47.75 -15.76
C PHE D 189 5.53 48.21 -15.87
N ASN D 190 5.22 49.19 -16.71
CA ASN D 190 3.85 49.65 -16.88
C ASN D 190 3.00 48.55 -17.50
N ASN D 191 1.76 48.88 -17.86
CA ASN D 191 0.74 47.89 -18.21
C ASN D 191 0.46 46.95 -17.02
N SER D 192 0.68 47.46 -15.82
CA SER D 192 0.34 46.74 -14.59
C SER D 192 -0.18 47.79 -13.60
N ILE D 193 -0.17 47.44 -12.31
CA ILE D 193 -0.73 48.34 -11.30
C ILE D 193 0.21 49.52 -11.07
N ILE D 194 1.51 49.25 -10.98
CA ILE D 194 2.60 50.22 -10.76
C ILE D 194 2.19 51.34 -9.80
N PRO D 195 2.01 51.06 -8.51
CA PRO D 195 1.58 52.07 -7.53
C PRO D 195 2.55 53.24 -7.42
N GLY E 2 16.67 7.02 1.87
CA GLY E 2 15.50 7.06 1.01
C GLY E 2 15.68 6.31 -0.30
N VAL E 3 14.67 6.41 -1.16
CA VAL E 3 14.69 5.71 -2.45
C VAL E 3 15.65 6.41 -3.40
N ALA E 4 16.42 5.62 -4.15
CA ALA E 4 17.37 6.15 -5.12
C ALA E 4 16.82 6.00 -6.53
N GLN E 5 16.86 7.08 -7.30
CA GLN E 5 16.45 7.07 -8.69
C GLN E 5 17.58 7.54 -9.58
N SER E 6 17.57 7.04 -10.81
CA SER E 6 18.58 7.41 -11.80
C SER E 6 18.00 7.23 -13.19
N PRO E 7 18.19 8.24 -14.07
CA PRO E 7 18.94 9.47 -13.82
C PRO E 7 18.09 10.57 -13.19
N ARG E 8 18.69 11.74 -12.96
CA ARG E 8 17.94 12.86 -12.42
C ARG E 8 17.23 13.64 -13.53
N TYR E 9 17.94 13.91 -14.62
CA TYR E 9 17.37 14.49 -15.82
C TYR E 9 17.76 13.65 -17.03
N LYS E 10 16.89 13.61 -18.03
CA LYS E 10 17.17 12.86 -19.24
C LYS E 10 16.53 13.56 -20.44
N ILE E 11 17.30 13.70 -21.52
CA ILE E 11 16.81 14.22 -22.78
C ILE E 11 16.80 13.08 -23.80
N ILE E 12 15.70 12.93 -24.52
CA ILE E 12 15.57 11.89 -25.53
C ILE E 12 14.81 12.45 -26.72
N GLU E 13 15.10 11.90 -27.90
CA GLU E 13 14.44 12.35 -29.12
C GLU E 13 13.00 11.84 -29.16
N LYS E 14 12.23 12.37 -30.12
CA LYS E 14 10.80 12.11 -30.17
C LYS E 14 10.50 10.62 -30.31
N ARG E 15 11.06 9.99 -31.34
CA ARG E 15 10.85 8.56 -31.56
C ARG E 15 12.08 7.81 -31.06
N GLN E 16 12.14 7.61 -29.75
CA GLN E 16 13.30 6.97 -29.14
C GLN E 16 12.87 6.31 -27.83
N SER E 17 13.81 5.60 -27.21
CA SER E 17 13.57 4.79 -26.03
C SER E 17 14.27 5.38 -24.80
N VAL E 18 13.67 5.17 -23.63
CA VAL E 18 14.25 5.57 -22.36
C VAL E 18 14.04 4.46 -21.35
N ALA E 19 14.91 4.41 -20.34
CA ALA E 19 14.81 3.45 -19.25
C ALA E 19 15.13 4.16 -17.95
N PHE E 20 14.18 4.13 -17.01
CA PHE E 20 14.34 4.75 -15.70
C PHE E 20 14.60 3.70 -14.65
N TRP E 21 15.64 3.90 -13.84
CA TRP E 21 16.01 2.96 -12.80
C TRP E 21 15.64 3.49 -11.42
N CYS E 22 15.33 2.57 -10.52
CA CYS E 22 14.91 2.92 -9.17
C CYS E 22 15.30 1.82 -8.19
N ASN E 23 15.83 2.23 -7.04
CA ASN E 23 16.18 1.30 -5.95
C ASN E 23 15.37 1.69 -4.73
N PRO E 24 14.46 0.85 -4.25
CA PRO E 24 13.60 1.23 -3.12
C PRO E 24 14.34 1.15 -1.80
N ILE E 25 13.67 1.62 -0.76
CA ILE E 25 14.18 1.47 0.59
C ILE E 25 14.31 -0.02 0.90
N SER E 26 15.42 -0.39 1.55
CA SER E 26 15.75 -1.79 1.76
C SER E 26 14.65 -2.49 2.55
N GLY E 27 14.13 -3.58 1.97
CA GLY E 27 13.12 -4.38 2.63
C GLY E 27 11.68 -3.98 2.34
N HIS E 28 11.45 -2.93 1.55
CA HIS E 28 10.09 -2.52 1.24
C HIS E 28 9.51 -3.43 0.17
N ALA E 29 8.35 -4.02 0.47
CA ALA E 29 7.66 -4.84 -0.51
C ALA E 29 7.18 -3.96 -1.66
N THR E 30 6.22 -3.10 -1.40
CA THR E 30 5.54 -2.36 -2.47
C THR E 30 6.48 -1.34 -3.13
N LEU E 31 6.33 -1.17 -4.43
CA LEU E 31 7.07 -0.20 -5.21
C LEU E 31 6.17 0.35 -6.30
N TYR E 32 6.10 1.67 -6.42
CA TYR E 32 5.26 2.33 -7.40
C TYR E 32 6.11 3.09 -8.42
N TRP E 33 5.55 3.28 -9.61
CA TRP E 33 6.02 4.26 -10.57
C TRP E 33 4.86 5.22 -10.86
N TYR E 34 5.09 6.50 -10.69
CA TYR E 34 4.09 7.52 -10.96
C TYR E 34 4.52 8.38 -12.14
N GLN E 35 3.55 9.11 -12.70
CA GLN E 35 3.81 10.11 -13.73
C GLN E 35 3.20 11.42 -13.27
N GLN E 36 4.03 12.47 -13.21
CA GLN E 36 3.60 13.81 -12.82
C GLN E 36 3.93 14.75 -13.98
N ILE E 37 2.88 15.20 -14.68
CA ILE E 37 3.04 16.03 -15.87
C ILE E 37 2.89 17.48 -15.46
N LEU E 38 3.98 18.24 -15.57
CA LEU E 38 4.00 19.70 -15.34
C LEU E 38 3.36 19.98 -13.98
N GLY E 39 2.47 20.96 -13.86
CA GLY E 39 1.80 21.23 -12.61
C GLY E 39 0.57 20.35 -12.42
N GLN E 40 0.77 19.13 -11.94
CA GLN E 40 -0.32 18.17 -11.78
C GLN E 40 0.01 17.27 -10.60
N GLY E 41 -0.83 16.25 -10.40
CA GLY E 41 -0.61 15.26 -9.37
C GLY E 41 -0.02 14.00 -9.94
N PRO E 42 0.53 13.15 -9.07
CA PRO E 42 1.15 11.89 -9.52
C PRO E 42 0.11 10.91 -10.03
N LYS E 43 0.19 10.60 -11.33
CA LYS E 43 -0.68 9.60 -11.95
C LYS E 43 -0.02 8.23 -11.82
N LEU E 44 -0.68 7.30 -11.14
CA LEU E 44 -0.10 5.99 -10.88
C LEU E 44 -0.02 5.17 -12.17
N LEU E 45 1.15 4.61 -12.42
CA LEU E 45 1.39 3.77 -13.60
C LEU E 45 1.35 2.28 -13.27
N ILE E 46 2.13 1.84 -12.27
CA ILE E 46 2.20 0.43 -11.94
C ILE E 46 2.58 0.29 -10.47
N GLN E 47 2.14 -0.81 -9.86
CA GLN E 47 2.47 -1.13 -8.47
C GLN E 47 2.97 -2.57 -8.42
N PHE E 48 4.12 -2.76 -7.78
CA PHE E 48 4.69 -4.08 -7.57
C PHE E 48 4.42 -4.54 -6.14
N GLN E 49 4.17 -5.84 -5.99
CA GLN E 49 4.03 -6.45 -4.67
C GLN E 49 5.42 -6.72 -4.10
N ASN E 50 6.06 -7.78 -4.57
CA ASN E 50 7.47 -8.03 -4.31
C ASN E 50 8.19 -7.99 -5.65
N ASN E 51 8.09 -9.09 -6.40
CA ASN E 51 8.52 -9.13 -7.79
C ASN E 51 7.35 -9.27 -8.75
N GLY E 52 6.13 -9.35 -8.24
CA GLY E 52 4.94 -9.56 -9.06
C GLY E 52 4.13 -8.28 -9.21
N VAL E 53 3.62 -8.06 -10.43
CA VAL E 53 2.79 -6.89 -10.68
C VAL E 53 1.45 -7.06 -9.97
N VAL E 54 1.02 -6.03 -9.25
CA VAL E 54 -0.25 -6.07 -8.55
C VAL E 54 -1.30 -5.24 -9.24
N ASP E 55 -0.92 -4.05 -9.71
CA ASP E 55 -1.83 -3.17 -10.42
C ASP E 55 -1.08 -2.58 -11.61
N ASP E 56 -1.67 -2.70 -12.79
CA ASP E 56 -1.15 -2.06 -13.98
C ASP E 56 -2.29 -1.68 -14.91
N SER E 57 -3.43 -1.30 -14.32
CA SER E 57 -4.59 -0.90 -15.11
C SER E 57 -4.33 0.39 -15.88
N GLN E 58 -3.51 1.28 -15.33
CA GLN E 58 -3.23 2.58 -15.94
C GLN E 58 -1.89 2.61 -16.67
N LEU E 59 -1.37 1.44 -17.05
CA LEU E 59 -0.09 1.37 -17.74
C LEU E 59 -0.32 1.21 -19.23
N PRO E 60 -0.07 2.23 -20.05
CA PRO E 60 -0.21 2.07 -21.50
C PRO E 60 0.81 1.08 -22.06
N LYS E 61 0.39 -0.17 -22.27
CA LYS E 61 1.30 -1.22 -22.72
C LYS E 61 1.85 -0.99 -24.12
N ASP E 62 1.33 -0.01 -24.86
CA ASP E 62 1.83 0.23 -26.22
C ASP E 62 3.32 0.57 -26.21
N ARG E 63 3.78 1.29 -25.18
CA ARG E 63 5.19 1.64 -25.12
C ARG E 63 5.72 1.52 -23.70
N PHE E 64 4.86 1.69 -22.70
CA PHE E 64 5.28 1.62 -21.31
C PHE E 64 5.41 0.17 -20.85
N SER E 65 6.47 -0.11 -20.11
CA SER E 65 6.70 -1.43 -19.55
C SER E 65 7.68 -1.30 -18.38
N ALA E 66 7.47 -2.13 -17.36
CA ALA E 66 8.29 -2.10 -16.17
C ALA E 66 8.59 -3.53 -15.71
N GLU E 67 9.59 -3.66 -14.85
CA GLU E 67 9.98 -4.96 -14.34
C GLU E 67 10.68 -4.80 -13.00
N ARG E 68 10.51 -5.81 -12.15
CA ARG E 68 11.12 -5.86 -10.82
C ARG E 68 11.50 -7.32 -10.53
N LEU E 69 12.34 -7.87 -11.39
CA LEU E 69 12.63 -9.31 -11.43
C LEU E 69 12.89 -9.92 -10.06
N LYS E 70 13.97 -9.49 -9.39
CA LYS E 70 14.33 -10.02 -8.09
C LYS E 70 13.58 -9.35 -6.95
N GLY E 71 12.58 -8.52 -7.24
CA GLY E 71 11.76 -7.94 -6.20
C GLY E 71 12.42 -6.86 -5.38
N VAL E 72 13.50 -6.26 -5.88
CA VAL E 72 14.13 -5.16 -5.17
C VAL E 72 14.14 -3.92 -6.08
N ASP E 73 15.14 -3.78 -6.94
CA ASP E 73 15.14 -2.60 -7.80
C ASP E 73 14.21 -2.81 -8.98
N SER E 74 13.84 -1.69 -9.63
CA SER E 74 12.90 -1.73 -10.74
C SER E 74 13.42 -0.89 -11.89
N THR E 75 12.85 -1.12 -13.08
CA THR E 75 13.23 -0.40 -14.28
C THR E 75 12.00 -0.18 -15.14
N LEU E 76 11.73 1.08 -15.49
CA LEU E 76 10.61 1.45 -16.34
C LEU E 76 11.14 1.87 -17.70
N LYS E 77 10.55 1.34 -18.78
CA LYS E 77 11.00 1.62 -20.13
C LYS E 77 9.85 2.19 -20.96
N ILE E 78 10.21 3.06 -21.90
CA ILE E 78 9.26 3.69 -22.82
C ILE E 78 9.86 3.61 -24.21
N GLN E 79 9.24 2.84 -25.10
CA GLN E 79 9.66 2.82 -26.50
C GLN E 79 8.54 2.40 -27.45
N PRO E 80 8.32 3.20 -28.51
CA PRO E 80 9.03 4.47 -28.71
C PRO E 80 8.47 5.57 -27.81
N ALA E 81 9.01 6.78 -27.90
CA ALA E 81 8.52 7.87 -27.08
C ALA E 81 7.48 8.68 -27.85
N LYS E 82 6.55 9.27 -27.10
CA LYS E 82 5.56 10.19 -27.62
C LYS E 82 5.81 11.54 -26.97
N LEU E 83 5.75 12.61 -27.77
CA LEU E 83 6.05 13.94 -27.26
C LEU E 83 5.22 14.30 -26.03
N GLU E 84 4.12 13.58 -25.80
CA GLU E 84 3.27 13.73 -24.62
C GLU E 84 3.89 13.12 -23.37
N ASP E 85 4.97 12.35 -23.49
CA ASP E 85 5.58 11.68 -22.35
C ASP E 85 6.49 12.58 -21.53
N SER E 86 6.62 13.85 -21.89
CA SER E 86 7.48 14.77 -21.13
C SER E 86 6.86 15.01 -19.76
N ALA E 87 7.48 14.47 -18.72
CA ALA E 87 6.98 14.59 -17.35
C ALA E 87 8.08 14.18 -16.39
N VAL E 88 7.74 14.16 -15.11
CA VAL E 88 8.63 13.65 -14.06
C VAL E 88 8.13 12.26 -13.67
N TYR E 89 9.01 11.28 -13.75
CA TYR E 89 8.65 9.90 -13.45
C TYR E 89 9.17 9.55 -12.07
N LEU E 90 8.24 9.47 -11.11
CA LEU E 90 8.57 9.25 -9.72
C LEU E 90 8.55 7.76 -9.40
N CYS E 91 9.48 7.35 -8.53
CA CYS E 91 9.47 6.03 -7.94
C CYS E 91 9.26 6.17 -6.45
N ALA E 92 8.44 5.28 -5.88
CA ALA E 92 8.17 5.29 -4.46
C ALA E 92 8.13 3.86 -3.96
N SER E 93 8.47 3.68 -2.68
CA SER E 93 8.40 2.36 -2.06
C SER E 93 7.65 2.48 -0.74
N SER E 94 7.13 1.34 -0.30
CA SER E 94 6.36 1.26 0.92
C SER E 94 6.49 -0.13 1.49
N SER E 95 6.48 -0.22 2.82
CA SER E 95 6.48 -1.52 3.48
C SER E 95 5.23 -2.33 3.14
N GLY E 96 4.15 -1.66 2.74
CA GLY E 96 2.93 -2.35 2.38
C GLY E 96 2.26 -3.10 3.50
N GLY E 97 2.58 -2.74 4.76
CA GLY E 97 2.10 -3.46 5.90
C GLY E 97 3.06 -4.50 6.46
N TRP E 98 4.14 -4.77 5.75
CA TRP E 98 5.17 -5.71 6.21
C TRP E 98 6.34 -4.90 6.74
N GLY E 99 6.34 -4.67 8.04
CA GLY E 99 7.38 -3.90 8.70
C GLY E 99 7.01 -2.48 9.03
N GLY E 100 5.92 -1.96 8.45
CA GLY E 100 5.50 -0.60 8.70
C GLY E 100 4.13 -0.30 8.14
N GLY E 101 3.91 0.94 7.72
CA GLY E 101 2.63 1.37 7.18
C GLY E 101 2.57 1.24 5.67
N THR E 102 1.47 1.74 5.11
CA THR E 102 1.28 1.75 3.67
C THR E 102 1.77 3.04 3.02
N GLU E 103 2.20 4.02 3.82
CA GLU E 103 2.68 5.28 3.28
C GLU E 103 3.88 5.06 2.37
N ALA E 104 3.93 5.82 1.28
CA ALA E 104 4.99 5.71 0.30
C ALA E 104 6.04 6.78 0.51
N PHE E 105 7.31 6.40 0.33
CA PHE E 105 8.44 7.32 0.41
C PHE E 105 8.95 7.54 -1.01
N PHE E 106 9.00 8.79 -1.43
CA PHE E 106 9.27 9.13 -2.83
C PHE E 106 10.73 9.45 -3.06
N GLY E 107 11.18 9.18 -4.28
CA GLY E 107 12.52 9.54 -4.72
C GLY E 107 12.54 10.90 -5.38
N GLN E 108 13.72 11.25 -5.91
CA GLN E 108 13.88 12.54 -6.57
C GLN E 108 13.16 12.61 -7.91
N GLY E 109 12.82 11.46 -8.50
CA GLY E 109 12.19 11.43 -9.80
C GLY E 109 13.17 11.67 -10.92
N THR E 110 12.72 11.37 -12.14
CA THR E 110 13.50 11.58 -13.36
C THR E 110 12.71 12.50 -14.28
N ARG E 111 13.21 13.73 -14.45
CA ARG E 111 12.58 14.67 -15.38
C ARG E 111 12.94 14.27 -16.80
N LEU E 112 11.94 13.81 -17.55
CA LEU E 112 12.13 13.46 -18.95
C LEU E 112 11.52 14.57 -19.81
N THR E 113 12.32 15.12 -20.71
CA THR E 113 11.85 16.10 -21.69
C THR E 113 12.10 15.51 -23.07
N VAL E 114 11.02 15.09 -23.74
CA VAL E 114 11.11 14.50 -25.07
C VAL E 114 11.03 15.64 -26.08
N VAL E 115 12.11 15.83 -26.84
CA VAL E 115 12.25 16.96 -27.73
C VAL E 115 11.90 16.53 -29.16
N GLU E 116 11.64 17.52 -30.01
CA GLU E 116 11.43 17.23 -31.43
C GLU E 116 12.72 16.80 -32.11
N ASP E 117 13.82 17.50 -31.83
CA ASP E 117 15.11 17.20 -32.41
C ASP E 117 16.20 17.63 -31.42
N LEU E 118 17.23 16.80 -31.26
CA LEU E 118 18.33 17.13 -30.37
C LEU E 118 19.11 18.37 -30.80
N LYS E 119 18.71 19.05 -31.88
CA LYS E 119 19.36 20.25 -32.36
C LYS E 119 18.83 21.52 -31.71
N ASN E 120 17.75 21.43 -30.94
CA ASN E 120 17.21 22.57 -30.20
C ASN E 120 17.60 22.54 -28.73
N VAL E 121 18.69 21.86 -28.40
CA VAL E 121 19.15 21.71 -27.02
C VAL E 121 20.41 22.53 -26.86
N PHE E 122 20.31 23.65 -26.13
CA PHE E 122 21.44 24.53 -25.92
C PHE E 122 21.54 24.94 -24.45
N PRO E 123 22.76 25.09 -23.93
CA PRO E 123 22.92 25.40 -22.51
C PRO E 123 22.57 26.85 -22.22
N PRO E 124 22.52 27.25 -20.96
CA PRO E 124 22.22 28.65 -20.63
C PRO E 124 23.46 29.53 -20.59
N GLU E 125 23.23 30.80 -20.92
CA GLU E 125 24.17 31.87 -20.63
C GLU E 125 23.66 32.61 -19.40
N VAL E 126 24.55 32.87 -18.45
CA VAL E 126 24.16 33.42 -17.16
C VAL E 126 25.01 34.66 -16.87
N ALA E 127 24.34 35.73 -16.44
CA ALA E 127 25.00 36.96 -16.03
C ALA E 127 24.38 37.46 -14.74
N VAL E 128 25.20 38.10 -13.91
CA VAL E 128 24.77 38.69 -12.65
C VAL E 128 24.87 40.20 -12.77
N PHE E 129 23.85 40.89 -12.26
CA PHE E 129 23.76 42.34 -12.36
C PHE E 129 23.91 42.96 -10.97
N GLU E 130 24.75 44.00 -10.89
CA GLU E 130 25.09 44.60 -9.61
C GLU E 130 23.96 45.50 -9.10
N PRO E 131 23.91 45.73 -7.79
CA PRO E 131 22.88 46.62 -7.24
C PRO E 131 22.99 48.02 -7.81
N SER E 132 21.90 48.79 -7.63
CA SER E 132 21.85 50.17 -8.07
C SER E 132 22.33 51.08 -6.95
N GLU E 133 23.06 52.14 -7.31
CA GLU E 133 23.46 53.14 -6.33
C GLU E 133 22.26 53.79 -5.66
N ALA E 134 21.08 53.71 -6.27
CA ALA E 134 19.89 54.34 -5.71
C ALA E 134 19.47 53.67 -4.41
N GLU E 135 19.26 52.36 -4.44
CA GLU E 135 18.67 51.67 -3.29
C GLU E 135 19.65 51.52 -2.13
N ILE E 136 20.95 51.59 -2.39
CA ILE E 136 21.92 51.41 -1.30
C ILE E 136 21.88 52.62 -0.36
N SER E 137 21.60 53.81 -0.88
CA SER E 137 21.39 54.98 -0.04
C SER E 137 19.93 55.20 0.31
N HIS E 138 19.00 54.61 -0.47
CA HIS E 138 17.57 54.74 -0.21
C HIS E 138 17.08 53.71 0.80
N THR E 139 17.43 52.44 0.61
CA THR E 139 16.92 51.36 1.44
C THR E 139 17.98 50.75 2.35
N GLN E 140 19.23 51.20 2.26
CA GLN E 140 20.34 50.61 3.01
C GLN E 140 20.44 49.10 2.76
N LYS E 141 20.03 48.68 1.57
CA LYS E 141 20.01 47.29 1.13
C LYS E 141 20.51 47.21 -0.29
N ALA E 142 21.14 46.09 -0.63
CA ALA E 142 21.66 45.86 -1.97
C ALA E 142 21.04 44.60 -2.55
N THR E 143 20.52 44.70 -3.77
CA THR E 143 19.89 43.59 -4.47
C THR E 143 20.74 43.21 -5.67
N LEU E 144 21.13 41.95 -5.74
CA LEU E 144 21.78 41.39 -6.92
C LEU E 144 20.78 40.56 -7.71
N VAL E 145 20.98 40.49 -9.02
CA VAL E 145 20.07 39.79 -9.92
C VAL E 145 20.89 38.87 -10.82
N CYS E 146 20.48 37.60 -10.90
CA CYS E 146 21.08 36.62 -11.78
C CYS E 146 20.08 36.27 -12.88
N LEU E 147 20.57 36.11 -14.10
CA LEU E 147 19.71 35.90 -15.26
C LEU E 147 20.31 34.82 -16.15
N ALA E 148 19.63 33.68 -16.26
CA ALA E 148 20.02 32.61 -17.17
C ALA E 148 19.08 32.62 -18.36
N THR E 149 19.63 32.76 -19.56
CA THR E 149 18.84 32.91 -20.78
C THR E 149 19.26 31.90 -21.84
N GLY E 150 18.34 31.63 -22.77
CA GLY E 150 18.68 30.90 -23.98
C GLY E 150 18.94 29.43 -23.82
N PHE E 151 18.42 28.79 -22.78
CA PHE E 151 18.65 27.36 -22.57
C PHE E 151 17.42 26.55 -22.95
N TYR E 152 17.67 25.31 -23.36
CA TYR E 152 16.62 24.34 -23.60
C TYR E 152 17.18 22.94 -23.42
N PRO E 153 16.41 22.06 -22.76
CA PRO E 153 15.11 22.38 -22.16
C PRO E 153 15.23 22.93 -20.74
N ASP E 154 14.13 22.85 -19.98
CA ASP E 154 14.08 23.41 -18.63
C ASP E 154 14.73 22.46 -17.62
N HIS E 155 16.01 22.24 -17.82
CA HIS E 155 16.83 21.42 -16.92
C HIS E 155 17.90 22.31 -16.30
N VAL E 156 17.50 23.13 -15.34
CA VAL E 156 18.41 24.06 -14.68
C VAL E 156 18.20 23.99 -13.17
N GLU E 157 19.29 24.24 -12.43
CA GLU E 157 19.25 24.35 -10.98
C GLU E 157 20.09 25.56 -10.60
N LEU E 158 19.44 26.64 -10.18
CA LEU E 158 20.09 27.90 -9.89
C LEU E 158 20.35 28.02 -8.40
N SER E 159 21.55 28.47 -8.04
CA SER E 159 21.95 28.62 -6.65
C SER E 159 22.87 29.82 -6.51
N TRP E 160 22.81 30.45 -5.35
CA TRP E 160 23.68 31.59 -5.03
C TRP E 160 24.77 31.14 -4.08
N TRP E 161 25.94 31.78 -4.20
CA TRP E 161 27.12 31.40 -3.43
C TRP E 161 27.87 32.66 -3.03
N VAL E 162 27.88 32.97 -1.74
CA VAL E 162 28.64 34.08 -1.17
C VAL E 162 29.83 33.50 -0.42
N ASN E 163 31.03 33.93 -0.81
CA ASN E 163 32.28 33.50 -0.18
C ASN E 163 32.40 31.98 -0.14
N GLY E 164 31.96 31.32 -1.21
CA GLY E 164 32.06 29.89 -1.34
C GLY E 164 31.04 29.10 -0.54
N LYS E 165 30.21 29.74 0.27
CA LYS E 165 29.19 29.07 1.05
C LYS E 165 27.82 29.37 0.44
N GLU E 166 27.03 28.32 0.25
CA GLU E 166 25.71 28.48 -0.35
C GLU E 166 24.78 29.23 0.61
N VAL E 167 24.10 30.25 0.09
CA VAL E 167 23.22 31.09 0.89
C VAL E 167 21.78 30.92 0.42
N HIS E 168 20.87 30.79 1.39
CA HIS E 168 19.44 30.74 1.12
C HIS E 168 18.68 31.93 1.67
N SER E 169 19.21 32.60 2.69
CA SER E 169 18.56 33.77 3.25
C SER E 169 18.58 34.90 2.23
N GLY E 170 17.44 35.56 2.05
CA GLY E 170 17.31 36.64 1.10
C GLY E 170 17.27 36.22 -0.35
N VAL E 171 17.41 34.94 -0.65
CA VAL E 171 17.44 34.47 -2.03
C VAL E 171 16.01 34.26 -2.51
N CYS E 172 15.82 34.36 -3.83
CA CYS E 172 14.51 34.18 -4.45
C CYS E 172 14.61 33.97 -5.95
N THR E 173 14.51 32.73 -6.40
CA THR E 173 14.47 32.43 -7.82
C THR E 173 13.03 32.29 -8.29
N ASP E 174 12.84 32.38 -9.60
CA ASP E 174 11.50 32.29 -10.16
C ASP E 174 11.00 30.84 -10.12
N PRO E 175 9.72 30.62 -9.82
CA PRO E 175 9.21 29.24 -9.79
C PRO E 175 9.23 28.56 -11.15
N GLN E 176 8.92 29.29 -12.22
CA GLN E 176 8.93 28.78 -13.57
C GLN E 176 9.64 29.77 -14.49
N PRO E 177 10.33 29.29 -15.50
CA PRO E 177 11.06 30.17 -16.41
C PRO E 177 10.12 30.82 -17.42
N LEU E 178 10.69 31.71 -18.23
CA LEU E 178 10.00 32.34 -19.33
C LEU E 178 10.51 31.77 -20.65
N LYS E 179 9.60 31.52 -21.58
CA LYS E 179 10.00 31.15 -22.93
C LYS E 179 10.51 32.38 -23.68
N GLU E 180 11.65 32.23 -24.35
CA GLU E 180 12.16 33.30 -25.19
C GLU E 180 11.11 33.73 -26.21
N GLN E 181 10.54 32.78 -26.94
CA GLN E 181 9.46 33.05 -27.88
C GLN E 181 8.32 32.10 -27.57
N PRO E 182 7.24 32.59 -26.95
CA PRO E 182 6.23 31.66 -26.41
C PRO E 182 5.59 30.75 -27.44
N ALA E 183 5.40 31.23 -28.67
CA ALA E 183 4.69 30.42 -29.67
C ALA E 183 5.45 29.14 -30.00
N LEU E 184 6.78 29.20 -29.93
CA LEU E 184 7.59 28.04 -30.27
C LEU E 184 7.41 26.96 -29.22
N ASN E 185 7.27 25.72 -29.69
CA ASN E 185 7.06 24.57 -28.81
C ASN E 185 8.36 23.96 -28.30
N ASP E 186 9.49 24.30 -28.91
CA ASP E 186 10.82 23.93 -28.44
C ASP E 186 11.61 25.18 -28.08
N SER E 187 10.93 26.19 -27.54
CA SER E 187 11.53 27.49 -27.33
C SER E 187 12.57 27.48 -26.22
N ARG E 188 13.67 28.19 -26.44
CA ARG E 188 14.64 28.42 -25.38
C ARG E 188 13.96 29.12 -24.21
N TYR E 189 14.49 28.89 -23.01
CA TYR E 189 13.91 29.45 -21.79
C TYR E 189 14.83 30.52 -21.21
N ALA E 190 14.27 31.27 -20.26
CA ALA E 190 15.00 32.29 -19.52
C ALA E 190 14.51 32.28 -18.08
N LEU E 191 15.44 32.49 -17.14
CA LEU E 191 15.11 32.39 -15.71
C LEU E 191 15.86 33.46 -14.94
N SER E 192 15.18 34.06 -13.96
CA SER E 192 15.72 35.13 -13.15
C SER E 192 15.78 34.72 -11.69
N SER E 193 16.60 35.46 -10.92
CA SER E 193 16.77 35.17 -9.50
C SER E 193 17.27 36.42 -8.79
N ARG E 194 17.00 36.49 -7.49
CA ARG E 194 17.31 37.66 -6.68
C ARG E 194 18.08 37.25 -5.44
N LEU E 195 19.12 38.01 -5.11
CA LEU E 195 19.84 37.87 -3.86
C LEU E 195 19.97 39.25 -3.22
N ARG E 196 19.44 39.40 -2.02
CA ARG E 196 19.44 40.67 -1.31
C ARG E 196 20.38 40.60 -0.12
N VAL E 197 21.14 41.67 0.08
CA VAL E 197 22.07 41.79 1.19
C VAL E 197 22.06 43.23 1.68
N SER E 198 22.53 43.43 2.91
CA SER E 198 22.57 44.76 3.48
C SER E 198 23.56 45.64 2.71
N ALA E 199 23.48 46.94 2.97
CA ALA E 199 24.38 47.88 2.31
C ALA E 199 25.83 47.62 2.72
N THR E 200 26.06 47.35 4.00
CA THR E 200 27.42 47.17 4.49
C THR E 200 28.07 45.91 3.92
N PHE E 201 27.26 44.87 3.65
CA PHE E 201 27.82 43.62 3.13
C PHE E 201 28.27 43.76 1.69
N TRP E 202 27.42 44.37 0.84
CA TRP E 202 27.80 44.59 -0.55
C TRP E 202 28.97 45.53 -0.69
N GLN E 203 29.20 46.41 0.31
CA GLN E 203 30.32 47.34 0.27
C GLN E 203 31.57 46.77 0.94
N ASN E 204 31.88 45.52 0.68
CA ASN E 204 33.08 44.87 1.21
C ASN E 204 33.76 44.13 0.06
N PRO E 205 34.93 44.61 -0.40
CA PRO E 205 35.57 43.96 -1.56
C PRO E 205 35.95 42.50 -1.32
N ARG E 206 35.87 42.01 -0.09
CA ARG E 206 36.18 40.61 0.18
C ARG E 206 34.99 39.70 -0.10
N ASN E 207 33.79 40.24 -0.19
CA ASN E 207 32.59 39.42 -0.40
C ASN E 207 32.47 39.06 -1.88
N HIS E 208 32.52 37.77 -2.17
CA HIS E 208 32.46 37.25 -3.54
C HIS E 208 31.07 36.66 -3.78
N PHE E 209 30.33 37.26 -4.71
CA PHE E 209 28.99 36.80 -5.08
C PHE E 209 29.09 36.00 -6.36
N ARG E 210 28.64 34.74 -6.31
CA ARG E 210 28.68 33.84 -7.46
C ARG E 210 27.31 33.22 -7.67
N CYS E 211 26.83 33.27 -8.91
CA CYS E 211 25.56 32.65 -9.29
C CYS E 211 25.85 31.43 -10.16
N GLN E 212 25.61 30.25 -9.62
CA GLN E 212 25.72 29.00 -10.35
C GLN E 212 24.36 28.58 -10.85
N VAL E 213 24.28 28.21 -12.12
CA VAL E 213 23.12 27.52 -12.67
C VAL E 213 23.60 26.22 -13.28
N GLN E 214 23.13 25.10 -12.74
CA GLN E 214 23.53 23.78 -13.18
C GLN E 214 22.62 23.32 -14.31
N PHE E 215 23.18 23.09 -15.48
CA PHE E 215 22.43 22.63 -16.63
C PHE E 215 22.63 21.13 -16.82
N TYR E 216 21.53 20.44 -17.16
CA TYR E 216 21.55 19.01 -17.45
C TYR E 216 21.17 18.82 -18.92
N GLY E 217 22.11 18.33 -19.71
CA GLY E 217 21.89 18.26 -21.15
C GLY E 217 21.96 16.86 -21.73
N LEU E 218 22.80 16.69 -22.73
CA LEU E 218 22.89 15.44 -23.46
C LEU E 218 23.87 14.48 -22.79
N SER E 219 23.73 13.20 -23.12
CA SER E 219 24.50 12.14 -22.50
C SER E 219 25.86 12.00 -23.20
N GLU E 220 26.59 10.93 -22.85
CA GLU E 220 27.87 10.67 -23.50
C GLU E 220 27.66 10.14 -24.91
N ASN E 221 26.80 9.14 -25.07
CA ASN E 221 26.64 8.44 -26.35
C ASN E 221 25.75 9.17 -27.33
N ASP E 222 25.12 10.28 -26.94
CA ASP E 222 24.30 11.03 -27.88
C ASP E 222 25.17 11.60 -29.00
N GLU E 223 24.79 11.29 -30.25
CA GLU E 223 25.57 11.74 -31.39
C GLU E 223 25.40 13.23 -31.60
N TRP E 224 26.50 13.91 -31.90
CA TRP E 224 26.49 15.36 -32.09
C TRP E 224 27.53 15.73 -33.13
N THR E 225 27.09 16.31 -34.24
CA THR E 225 27.96 16.69 -35.35
C THR E 225 28.14 18.19 -35.47
N GLN E 226 27.10 18.97 -35.16
CA GLN E 226 27.09 20.39 -35.46
C GLN E 226 28.24 21.11 -34.76
N ASP E 227 28.71 22.19 -35.40
CA ASP E 227 29.92 22.86 -34.94
C ASP E 227 29.75 23.41 -33.52
N ARG E 228 28.55 23.87 -33.18
CA ARG E 228 28.29 24.35 -31.83
C ARG E 228 28.61 23.27 -30.82
N ALA E 229 29.31 23.66 -29.74
CA ALA E 229 29.80 22.70 -28.77
C ALA E 229 28.67 21.80 -28.26
N LYS E 230 28.98 20.52 -28.13
CA LYS E 230 28.02 19.53 -27.65
C LYS E 230 27.46 19.96 -26.30
N PRO E 231 26.15 20.20 -26.19
CA PRO E 231 25.59 20.72 -24.93
C PRO E 231 25.53 19.68 -23.83
N VAL E 232 26.69 19.20 -23.38
CA VAL E 232 26.73 18.26 -22.27
C VAL E 232 26.29 18.97 -20.99
N THR E 233 25.83 18.18 -20.03
CA THR E 233 25.51 18.71 -18.71
C THR E 233 26.72 19.42 -18.12
N GLN E 234 26.50 20.63 -17.63
CA GLN E 234 27.60 21.52 -17.27
C GLN E 234 27.11 22.55 -16.26
N ILE E 235 28.04 23.38 -15.80
CA ILE E 235 27.76 24.47 -14.88
C ILE E 235 28.21 25.76 -15.55
N VAL E 236 27.31 26.74 -15.62
CA VAL E 236 27.61 28.07 -16.14
C VAL E 236 27.44 29.05 -14.98
N SER E 237 28.42 29.93 -14.80
CA SER E 237 28.46 30.80 -13.63
C SER E 237 28.66 32.24 -14.04
N ALA E 238 28.36 33.13 -13.09
CA ALA E 238 28.57 34.56 -13.23
C ALA E 238 28.83 35.13 -11.84
N GLU E 239 29.81 36.02 -11.75
CA GLU E 239 30.30 36.49 -10.46
C GLU E 239 30.29 38.00 -10.38
N ALA E 240 30.33 38.51 -9.15
CA ALA E 240 30.45 39.93 -8.88
C ALA E 240 31.16 40.10 -7.55
N TRP E 241 31.72 41.29 -7.35
CA TRP E 241 32.47 41.59 -6.14
C TRP E 241 31.90 42.85 -5.49
N GLY E 242 32.22 43.01 -4.21
CA GLY E 242 31.80 44.20 -3.49
C GLY E 242 32.64 45.41 -3.83
N ARG E 243 32.00 46.58 -3.83
CA ARG E 243 32.67 47.82 -4.18
C ARG E 243 32.04 48.96 -3.40
N ALA E 244 32.75 50.09 -3.37
CA ALA E 244 32.28 51.28 -2.67
C ALA E 244 32.57 52.53 -3.49
#